data_6DJJ
#
_entry.id   6DJJ
#
_cell.length_a   49.937
_cell.length_b   105.142
_cell.length_c   193.370
_cell.angle_alpha   90.00
_cell.angle_beta   90.00
_cell.angle_gamma   90.00
#
_symmetry.space_group_name_H-M   'P 21 21 21'
#
loop_
_entity.id
_entity.type
_entity.pdbx_description
1 polymer 'Tyrosyl-DNA phosphodiesterase 1'
2 non-polymer '4-aminobenzene-1,2-dicarboxylic acid'
3 non-polymer 1,2-ETHANEDIOL
4 water water
#
_entity_poly.entity_id   1
_entity_poly.type   'polypeptide(L)'
_entity_poly.pdbx_seq_one_letter_code
;SGEGQDIWDMLDKGNPFQFYLTRVSGVKPKYNSGALHIKDILSPLFGTLVSSAQFNYCFDVDWLVKQYPPEFRKKPILLV
HGDKREAKAHLHAQAKPYENISLCQAKLDIAFGTHHTKMMLLLYEEGLRVVIHTSNLIHADWHQKTQGIWLSPLYPRIAD
GTHKSGESPTHFKADLISYLMAYNAPSLKEWIDVIHKHDLSETNVYLIGSTPGRFQGSQKDNWGHFRLKKLLKDHASSMP
NAESWPVVGQFSSVGSLGADESKWLCSEFKESMLTLGKESKTPGKSSVPLYLIYPSVENVRTSLEGYPAGGSLPYSIQTA
EKQNWLHSYFHKWSAETSGRSNAMPHIKTYMRPSPDFSKIAWFLVTSANLSKAAWGALEKNGTQLMIRSYELGVLFLPSA
FGLDSFKVKQKFFAGSQEPMATFPVPYDLPPELYGSKDRPWIWNIPYVKAPDTHGNMWVPS
;
_entity_poly.pdbx_strand_id   A,B
#
loop_
_chem_comp.id
_chem_comp.type
_chem_comp.name
_chem_comp.formula
EDO non-polymer 1,2-ETHANEDIOL 'C2 H6 O2'
GM7 non-polymer '4-aminobenzene-1,2-dicarboxylic acid' 'C8 H7 N O4'
#
# COMPACT_ATOMS: atom_id res chain seq x y z
N ASN A 15 21.95 5.36 9.31
CA ASN A 15 20.57 5.83 9.37
C ASN A 15 19.78 5.43 8.15
N PRO A 16 18.53 5.00 8.35
CA PRO A 16 17.63 4.73 7.23
C PRO A 16 16.82 5.93 6.77
N PHE A 17 16.89 7.06 7.48
CA PHE A 17 15.91 8.12 7.22
C PHE A 17 16.30 9.05 6.09
N GLN A 18 17.60 9.29 5.88
CA GLN A 18 18.06 10.12 4.77
C GLN A 18 17.45 11.51 4.85
N PHE A 19 17.36 12.02 6.07
CA PHE A 19 16.90 13.37 6.36
C PHE A 19 18.11 14.21 6.73
N TYR A 20 18.31 15.31 6.00
CA TYR A 20 19.50 16.15 6.13
C TYR A 20 19.11 17.60 6.35
N LEU A 21 20.03 18.36 6.94
CA LEU A 21 19.96 19.81 6.94
C LEU A 21 20.92 20.39 5.91
N THR A 22 20.63 21.59 5.44
CA THR A 22 21.56 22.32 4.59
C THR A 22 22.75 22.80 5.44
N ARG A 23 23.88 23.02 4.77
CA ARG A 23 25.05 23.58 5.43
C ARG A 23 24.78 25.02 5.87
N VAL A 24 25.34 25.40 7.01
CA VAL A 24 25.20 26.76 7.55
C VAL A 24 26.59 27.38 7.66
N SER A 25 26.78 28.50 7.00
N SER A 25 26.79 28.50 6.99
CA SER A 25 28.08 29.18 7.04
CA SER A 25 28.08 29.19 7.03
C SER A 25 28.27 29.86 8.39
C SER A 25 28.27 29.86 8.39
N GLY A 26 29.35 29.52 9.07
CA GLY A 26 29.71 30.18 10.31
C GLY A 26 29.60 29.33 11.56
N VAL A 27 28.95 28.18 11.50
CA VAL A 27 28.94 27.28 12.63
C VAL A 27 30.19 26.40 12.56
N LYS A 28 30.51 25.77 13.69
CA LYS A 28 31.70 24.93 13.75
C LYS A 28 31.53 23.73 12.81
N PRO A 29 32.63 23.23 12.25
CA PRO A 29 32.54 22.09 11.31
C PRO A 29 31.74 20.90 11.83
N LYS A 30 31.78 20.60 13.13
CA LYS A 30 30.99 19.47 13.63
C LYS A 30 29.50 19.62 13.36
N TYR A 31 29.00 20.84 13.17
CA TYR A 31 27.59 21.05 12.88
C TYR A 31 27.28 21.06 11.39
N ASN A 32 28.28 20.92 10.54
CA ASN A 32 28.04 20.75 9.11
C ASN A 32 28.46 19.39 8.60
N SER A 33 29.01 18.52 9.47
CA SER A 33 29.64 17.29 9.00
C SER A 33 28.65 16.42 8.21
N GLY A 34 27.44 16.27 8.73
CA GLY A 34 26.46 15.50 8.00
C GLY A 34 25.46 16.32 7.21
N ALA A 35 25.75 17.60 6.97
CA ALA A 35 24.85 18.49 6.26
C ALA A 35 25.18 18.48 4.78
N LEU A 36 24.25 18.98 3.97
CA LEU A 36 24.40 18.97 2.51
C LEU A 36 24.18 20.35 1.95
N HIS A 37 25.11 20.80 1.13
CA HIS A 37 24.90 21.98 0.30
C HIS A 37 24.36 21.55 -1.05
N ILE A 38 23.78 22.52 -1.78
CA ILE A 38 23.23 22.17 -3.10
C ILE A 38 24.32 21.64 -4.03
N LYS A 39 25.55 22.13 -3.90
CA LYS A 39 26.63 21.58 -4.72
C LYS A 39 26.92 20.13 -4.40
N ASP A 40 26.73 19.73 -3.13
CA ASP A 40 26.87 18.31 -2.80
C ASP A 40 25.80 17.47 -3.47
N ILE A 41 24.54 17.95 -3.45
CA ILE A 41 23.44 17.18 -4.04
C ILE A 41 23.64 16.98 -5.53
N LEU A 42 24.12 18.00 -6.23
CA LEU A 42 24.26 17.95 -7.67
C LEU A 42 25.60 17.36 -8.11
N SER A 43 26.45 16.96 -7.18
N SER A 43 26.46 16.97 -7.19
CA SER A 43 27.81 16.51 -7.50
CA SER A 43 27.81 16.55 -7.54
C SER A 43 27.75 15.25 -8.36
C SER A 43 27.79 15.21 -8.27
N PRO A 44 28.81 14.97 -9.12
N PRO A 44 28.77 14.97 -9.14
CA PRO A 44 28.87 13.70 -9.87
CA PRO A 44 28.81 13.69 -9.88
C PRO A 44 28.87 12.49 -8.97
C PRO A 44 28.87 12.47 -8.97
N LEU A 45 29.31 12.63 -7.72
CA LEU A 45 29.28 11.52 -6.77
C LEU A 45 27.87 11.00 -6.51
N PHE A 46 26.84 11.84 -6.70
CA PHE A 46 25.46 11.41 -6.53
C PHE A 46 24.89 10.74 -7.79
N GLY A 47 25.53 10.91 -8.92
CA GLY A 47 25.07 10.32 -10.17
C GLY A 47 25.53 11.13 -11.35
N THR A 48 25.53 10.50 -12.53
CA THR A 48 25.95 11.17 -13.76
C THR A 48 24.72 11.79 -14.40
N LEU A 49 24.58 13.11 -14.26
CA LEU A 49 23.35 13.80 -14.63
C LEU A 49 23.10 13.76 -16.14
N VAL A 50 21.86 13.42 -16.50
CA VAL A 50 21.37 13.49 -17.87
C VAL A 50 20.38 14.64 -18.04
N SER A 51 19.53 14.89 -17.04
N SER A 51 19.56 14.90 -17.02
CA SER A 51 18.56 15.97 -17.09
CA SER A 51 18.49 15.87 -17.09
C SER A 51 17.96 16.10 -15.71
C SER A 51 18.03 16.12 -15.65
N SER A 52 17.44 17.29 -15.42
CA SER A 52 16.88 17.57 -14.11
C SER A 52 15.67 18.48 -14.22
N ALA A 53 14.79 18.38 -13.22
CA ALA A 53 13.67 19.28 -13.04
C ALA A 53 13.82 19.92 -11.66
N GLN A 54 13.66 21.24 -11.60
CA GLN A 54 13.75 22.01 -10.36
C GLN A 54 12.37 22.62 -10.12
N PHE A 55 11.63 22.05 -9.17
CA PHE A 55 10.36 22.61 -8.71
C PHE A 55 10.68 23.60 -7.61
N ASN A 56 10.15 24.83 -7.70
CA ASN A 56 10.42 25.76 -6.61
C ASN A 56 9.49 26.96 -6.69
N TYR A 57 9.73 27.91 -5.79
CA TYR A 57 9.01 29.17 -5.75
C TYR A 57 9.84 30.30 -6.35
N CYS A 58 11.02 30.54 -5.78
CA CYS A 58 11.93 31.62 -6.18
C CYS A 58 13.21 31.03 -6.77
N PHE A 59 13.68 31.63 -7.87
CA PHE A 59 14.87 31.16 -8.58
C PHE A 59 15.83 32.32 -8.82
N ASP A 60 17.12 32.09 -8.60
CA ASP A 60 18.20 32.91 -9.17
C ASP A 60 18.89 32.01 -10.19
N VAL A 61 18.57 32.20 -11.47
CA VAL A 61 18.98 31.21 -12.47
C VAL A 61 20.50 31.23 -12.65
N ASP A 62 21.11 32.42 -12.69
N ASP A 62 21.11 32.42 -12.68
CA ASP A 62 22.56 32.50 -12.78
CA ASP A 62 22.57 32.48 -12.78
C ASP A 62 23.22 31.70 -11.66
C ASP A 62 23.24 31.72 -11.65
N TRP A 63 22.76 31.92 -10.42
CA TRP A 63 23.29 31.19 -9.28
C TRP A 63 23.02 29.70 -9.42
N LEU A 64 21.82 29.34 -9.83
CA LEU A 64 21.42 27.93 -9.89
C LEU A 64 22.32 27.14 -10.83
N VAL A 65 22.58 27.69 -12.04
CA VAL A 65 23.40 26.95 -12.99
C VAL A 65 24.81 26.78 -12.44
N LYS A 66 25.32 27.78 -11.72
CA LYS A 66 26.63 27.63 -11.12
C LYS A 66 26.70 26.55 -10.04
N GLN A 67 25.55 26.09 -9.50
CA GLN A 67 25.60 25.04 -8.49
C GLN A 67 25.73 23.66 -9.10
N TYR A 68 25.44 23.51 -10.40
CA TYR A 68 25.67 22.24 -11.07
C TYR A 68 27.16 22.10 -11.38
N PRO A 69 27.68 20.86 -11.39
CA PRO A 69 29.08 20.66 -11.76
C PRO A 69 29.34 21.20 -13.16
N PRO A 70 30.51 21.79 -13.42
CA PRO A 70 30.74 22.38 -14.75
C PRO A 70 30.42 21.43 -15.89
N GLU A 71 30.76 20.14 -15.75
CA GLU A 71 30.51 19.19 -16.82
C GLU A 71 29.03 18.89 -17.03
N PHE A 72 28.16 19.27 -16.09
CA PHE A 72 26.72 19.03 -16.24
C PHE A 72 25.92 20.30 -16.53
N ARG A 73 26.57 21.45 -16.67
CA ARG A 73 25.82 22.70 -16.72
C ARG A 73 25.04 22.91 -18.01
N LYS A 74 25.29 22.13 -19.06
CA LYS A 74 24.51 22.26 -20.27
C LYS A 74 23.47 21.15 -20.43
N LYS A 75 23.34 20.25 -19.46
CA LYS A 75 22.28 19.25 -19.51
C LYS A 75 20.93 19.94 -19.34
N PRO A 76 19.86 19.37 -19.93
CA PRO A 76 18.54 20.04 -19.85
C PRO A 76 18.10 20.25 -18.40
N ILE A 77 17.55 21.42 -18.14
CA ILE A 77 16.96 21.77 -16.85
C ILE A 77 15.55 22.28 -17.09
N LEU A 78 14.58 21.78 -16.33
CA LEU A 78 13.22 22.29 -16.36
C LEU A 78 12.96 23.03 -15.06
N LEU A 79 12.55 24.29 -15.15
CA LEU A 79 12.14 25.07 -13.99
C LEU A 79 10.62 25.02 -13.88
N VAL A 80 10.11 24.49 -12.75
CA VAL A 80 8.67 24.41 -12.51
C VAL A 80 8.32 25.48 -11.48
N HIS A 81 7.47 26.43 -11.86
CA HIS A 81 7.22 27.64 -11.08
C HIS A 81 5.74 28.02 -11.19
N GLY A 82 5.35 29.03 -10.44
CA GLY A 82 3.97 29.49 -10.49
C GLY A 82 3.80 30.95 -10.89
N ASP A 83 4.86 31.57 -11.41
CA ASP A 83 4.84 33.00 -11.69
C ASP A 83 3.93 33.34 -12.87
N LYS A 84 3.32 34.53 -12.79
CA LYS A 84 2.42 35.04 -13.82
C LYS A 84 2.86 36.43 -14.23
N ARG A 85 2.34 36.90 -15.38
CA ARG A 85 2.43 38.31 -15.79
C ARG A 85 3.89 38.77 -15.72
N GLU A 86 4.18 39.90 -15.05
CA GLU A 86 5.54 40.46 -15.09
C GLU A 86 6.54 39.57 -14.37
N ALA A 87 6.11 38.93 -13.26
CA ALA A 87 6.99 37.98 -12.58
C ALA A 87 7.38 36.85 -13.54
N LYS A 88 6.42 36.33 -14.29
CA LYS A 88 6.73 35.28 -15.26
C LYS A 88 7.71 35.79 -16.32
N ALA A 89 7.48 37.01 -16.83
CA ALA A 89 8.41 37.57 -17.80
C ALA A 89 9.82 37.69 -17.23
N HIS A 90 9.93 38.10 -15.95
CA HIS A 90 11.26 38.24 -15.34
C HIS A 90 11.98 36.91 -15.27
N LEU A 91 11.25 35.83 -14.95
CA LEU A 91 11.90 34.53 -14.85
C LEU A 91 12.36 34.05 -16.22
N HIS A 92 11.52 34.21 -17.25
CA HIS A 92 11.95 33.86 -18.59
C HIS A 92 13.19 34.65 -19.00
N ALA A 93 13.24 35.93 -18.65
CA ALA A 93 14.42 36.74 -18.99
C ALA A 93 15.66 36.20 -18.28
N GLN A 94 15.50 35.71 -17.05
CA GLN A 94 16.62 35.11 -16.33
C GLN A 94 17.16 33.88 -17.07
N ALA A 95 16.24 33.08 -17.63
CA ALA A 95 16.62 31.81 -18.22
C ALA A 95 17.04 31.93 -19.68
N LYS A 96 16.59 32.98 -20.36
CA LYS A 96 16.89 33.17 -21.79
C LYS A 96 18.36 32.96 -22.17
N PRO A 97 19.35 33.39 -21.38
CA PRO A 97 20.75 33.13 -21.78
C PRO A 97 21.15 31.66 -21.83
N TYR A 98 20.37 30.75 -21.24
CA TYR A 98 20.75 29.33 -21.13
C TYR A 98 19.82 28.53 -22.04
N GLU A 99 20.34 28.09 -23.19
CA GLU A 99 19.52 27.40 -24.17
C GLU A 99 18.98 26.07 -23.66
N ASN A 100 19.61 25.50 -22.63
CA ASN A 100 19.22 24.20 -22.09
C ASN A 100 18.13 24.28 -21.03
N ILE A 101 17.65 25.47 -20.69
CA ILE A 101 16.66 25.63 -19.63
C ILE A 101 15.28 25.84 -20.24
N SER A 102 14.34 25.00 -19.84
N SER A 102 14.33 25.01 -19.84
CA SER A 102 12.93 25.14 -20.17
CA SER A 102 12.93 25.18 -20.18
C SER A 102 12.14 25.48 -18.91
C SER A 102 12.14 25.49 -18.92
N LEU A 103 10.93 25.99 -19.11
CA LEU A 103 10.09 26.43 -18.01
C LEU A 103 8.71 25.82 -18.13
N CYS A 104 8.12 25.54 -16.96
CA CYS A 104 6.76 25.03 -16.84
C CYS A 104 6.03 25.89 -15.82
N GLN A 105 5.03 26.64 -16.28
CA GLN A 105 4.22 27.47 -15.40
C GLN A 105 3.09 26.61 -14.85
N ALA A 106 3.16 26.33 -13.55
CA ALA A 106 2.09 25.59 -12.90
C ALA A 106 0.83 26.43 -12.82
N LYS A 107 -0.30 25.85 -13.25
CA LYS A 107 -1.55 26.59 -13.22
C LYS A 107 -1.98 26.85 -11.78
N LEU A 108 -2.38 28.10 -11.51
CA LEU A 108 -2.84 28.52 -10.20
C LEU A 108 -4.20 29.19 -10.42
N ASP A 109 -5.23 28.37 -10.63
CA ASP A 109 -6.53 28.88 -11.04
C ASP A 109 -7.42 29.25 -9.86
N ILE A 110 -6.98 29.04 -8.63
CA ILE A 110 -7.66 29.54 -7.45
C ILE A 110 -6.87 30.75 -6.92
N ALA A 111 -7.58 31.81 -6.55
CA ALA A 111 -6.90 33.04 -6.18
C ALA A 111 -6.04 32.85 -4.93
N PHE A 112 -4.95 33.63 -4.87
CA PHE A 112 -4.07 33.68 -3.70
C PHE A 112 -3.34 32.36 -3.47
N GLY A 113 -3.15 31.57 -4.53
CA GLY A 113 -2.36 30.35 -4.45
C GLY A 113 -0.93 30.59 -4.90
N THR A 114 -0.06 29.66 -4.50
CA THR A 114 1.36 29.78 -4.74
C THR A 114 1.89 28.41 -5.15
N HIS A 115 2.90 28.38 -6.00
CA HIS A 115 3.63 27.13 -6.24
C HIS A 115 4.80 27.07 -5.26
N HIS A 116 4.56 26.46 -4.10
N HIS A 116 4.58 26.36 -4.15
CA HIS A 116 5.57 26.43 -3.05
CA HIS A 116 5.46 26.37 -2.99
C HIS A 116 6.50 25.24 -3.15
C HIS A 116 6.30 25.11 -2.87
N THR A 117 6.02 24.10 -3.68
CA THR A 117 6.77 22.85 -3.70
C THR A 117 8.24 23.03 -4.07
N LYS A 118 9.12 22.41 -3.29
CA LYS A 118 10.56 22.41 -3.55
C LYS A 118 11.01 20.96 -3.73
N MET A 119 11.36 20.62 -4.96
CA MET A 119 11.66 19.25 -5.32
C MET A 119 12.64 19.27 -6.49
N MET A 120 13.59 18.36 -6.47
CA MET A 120 14.46 18.10 -7.62
C MET A 120 14.17 16.71 -8.12
N LEU A 121 13.99 16.58 -9.44
CA LEU A 121 14.03 15.28 -10.10
C LEU A 121 15.35 15.22 -10.85
N LEU A 122 16.17 14.23 -10.54
CA LEU A 122 17.53 14.14 -11.06
C LEU A 122 17.63 12.82 -11.83
N LEU A 123 17.67 12.91 -13.16
CA LEU A 123 17.80 11.72 -13.99
C LEU A 123 19.26 11.50 -14.32
N TYR A 124 19.75 10.30 -14.06
CA TYR A 124 21.16 9.98 -14.21
C TYR A 124 21.32 8.89 -15.24
N GLU A 125 22.58 8.68 -15.67
CA GLU A 125 22.88 7.49 -16.46
C GLU A 125 22.62 6.22 -15.66
N GLU A 126 22.77 6.30 -14.33
CA GLU A 126 22.68 5.16 -13.43
C GLU A 126 21.30 4.93 -12.84
N GLY A 127 20.36 5.84 -13.05
CA GLY A 127 19.04 5.70 -12.44
C GLY A 127 18.41 7.09 -12.22
N LEU A 128 17.60 7.17 -11.17
CA LEU A 128 16.82 8.37 -10.89
C LEU A 128 16.87 8.66 -9.40
N ARG A 129 16.90 9.96 -9.04
CA ARG A 129 16.81 10.37 -7.64
C ARG A 129 15.77 11.47 -7.49
N VAL A 130 15.05 11.44 -6.39
CA VAL A 130 14.06 12.45 -6.03
C VAL A 130 14.56 13.14 -4.76
N VAL A 131 14.54 14.46 -4.75
CA VAL A 131 14.95 15.26 -3.59
C VAL A 131 13.78 16.15 -3.24
N ILE A 132 13.26 16.01 -2.04
CA ILE A 132 12.18 16.88 -1.58
C ILE A 132 12.73 17.69 -0.42
N HIS A 133 12.65 19.01 -0.52
CA HIS A 133 13.41 19.84 0.40
C HIS A 133 12.65 21.14 0.66
N THR A 134 13.27 22.10 1.34
CA THR A 134 12.55 23.30 1.74
C THR A 134 13.16 24.61 1.26
N SER A 135 14.20 24.58 0.45
CA SER A 135 14.96 25.79 0.12
C SER A 135 14.60 26.33 -1.25
N ASN A 136 14.43 27.65 -1.34
CA ASN A 136 14.38 28.32 -2.62
C ASN A 136 15.75 28.22 -3.31
N LEU A 137 15.75 28.43 -4.62
CA LEU A 137 17.00 28.30 -5.39
C LEU A 137 17.68 29.67 -5.53
N ILE A 138 18.08 30.20 -4.37
CA ILE A 138 18.77 31.47 -4.26
C ILE A 138 19.84 31.31 -3.19
N HIS A 139 20.93 32.08 -3.30
CA HIS A 139 22.06 31.95 -2.38
C HIS A 139 21.63 32.02 -0.92
N ALA A 140 20.76 32.97 -0.57
CA ALA A 140 20.46 33.20 0.84
C ALA A 140 19.77 32.01 1.49
N ASP A 141 19.01 31.23 0.73
CA ASP A 141 18.30 30.12 1.37
C ASP A 141 19.21 28.97 1.74
N TRP A 142 20.42 28.91 1.20
CA TRP A 142 21.36 27.84 1.50
C TRP A 142 22.55 28.35 2.31
N HIS A 143 22.51 29.60 2.75
CA HIS A 143 23.69 30.23 3.36
C HIS A 143 23.68 30.05 4.87
N GLN A 144 22.70 30.66 5.56
CA GLN A 144 22.70 30.66 7.01
C GLN A 144 21.32 30.34 7.59
N LYS A 145 20.51 29.56 6.87
CA LYS A 145 19.19 29.17 7.36
C LYS A 145 19.19 27.70 7.78
N THR A 146 18.20 27.34 8.60
CA THR A 146 17.91 25.93 8.87
C THR A 146 16.89 25.48 7.81
N GLN A 147 17.32 24.56 6.94
CA GLN A 147 16.49 24.01 5.87
C GLN A 147 16.58 22.50 5.93
N GLY A 148 15.55 21.81 5.43
CA GLY A 148 15.52 20.35 5.45
C GLY A 148 15.53 19.74 4.07
N ILE A 149 16.10 18.53 3.99
CA ILE A 149 16.24 17.79 2.74
C ILE A 149 15.91 16.32 3.00
N TRP A 150 15.06 15.73 2.16
CA TRP A 150 14.96 14.27 2.08
C TRP A 150 15.57 13.82 0.75
N LEU A 151 16.51 12.87 0.82
CA LEU A 151 17.17 12.30 -0.36
C LEU A 151 16.63 10.90 -0.59
N SER A 152 16.06 10.66 -1.77
CA SER A 152 15.61 9.33 -2.12
C SER A 152 16.82 8.43 -2.36
N PRO A 153 16.62 7.11 -2.31
CA PRO A 153 17.66 6.20 -2.83
C PRO A 153 17.89 6.45 -4.31
N LEU A 154 19.01 5.95 -4.82
CA LEU A 154 19.20 5.87 -6.27
C LEU A 154 18.26 4.80 -6.80
N TYR A 155 17.27 5.21 -7.58
CA TYR A 155 16.29 4.26 -8.11
C TYR A 155 16.80 3.68 -9.41
N PRO A 156 16.96 2.37 -9.55
CA PRO A 156 17.44 1.83 -10.81
C PRO A 156 16.34 1.80 -11.86
N ARG A 157 16.77 1.75 -13.12
CA ARG A 157 15.82 1.64 -14.23
C ARG A 157 15.31 0.21 -14.33
N ILE A 158 14.03 0.09 -14.69
CA ILE A 158 13.46 -1.23 -14.94
C ILE A 158 13.85 -1.64 -16.35
N ALA A 159 14.33 -2.87 -16.50
CA ALA A 159 14.79 -3.34 -17.80
C ALA A 159 13.69 -3.23 -18.85
N ASP A 160 14.06 -2.76 -20.04
CA ASP A 160 13.12 -2.73 -21.15
C ASP A 160 12.59 -4.14 -21.43
N GLY A 161 11.28 -4.28 -21.53
CA GLY A 161 10.65 -5.57 -21.66
C GLY A 161 10.29 -6.25 -20.35
N THR A 162 10.82 -5.79 -19.23
CA THR A 162 10.43 -6.31 -17.93
C THR A 162 9.16 -5.60 -17.44
N HIS A 163 8.23 -6.38 -16.89
CA HIS A 163 6.98 -5.83 -16.37
C HIS A 163 6.96 -6.00 -14.86
N LYS A 164 7.26 -4.93 -14.14
CA LYS A 164 7.06 -4.91 -12.70
C LYS A 164 6.55 -3.54 -12.32
N SER A 165 5.97 -3.46 -11.12
CA SER A 165 5.38 -2.18 -10.73
C SER A 165 6.46 -1.16 -10.39
N GLY A 166 7.55 -1.60 -9.77
CA GLY A 166 8.48 -0.64 -9.19
C GLY A 166 7.92 0.10 -8.00
N GLU A 167 6.82 -0.39 -7.43
CA GLU A 167 6.13 0.33 -6.36
C GLU A 167 6.66 -0.05 -4.97
N SER A 168 6.58 0.90 -4.04
N SER A 168 6.58 0.90 -4.04
CA SER A 168 7.01 0.68 -2.66
CA SER A 168 7.00 0.73 -2.65
C SER A 168 5.81 0.36 -1.78
C SER A 168 5.82 0.40 -1.77
N PRO A 169 6.05 -0.17 -0.57
CA PRO A 169 4.92 -0.40 0.36
C PRO A 169 4.23 0.89 0.77
N THR A 170 4.87 2.05 0.62
CA THR A 170 4.23 3.32 0.92
C THR A 170 3.51 3.93 -0.28
N HIS A 171 3.50 3.24 -1.44
CA HIS A 171 2.80 3.70 -2.64
C HIS A 171 3.42 4.97 -3.22
N PHE A 172 4.70 5.22 -2.92
CA PHE A 172 5.33 6.49 -3.29
C PHE A 172 5.36 6.70 -4.80
N LYS A 173 5.57 5.64 -5.58
CA LYS A 173 5.69 5.83 -7.02
C LYS A 173 4.38 6.34 -7.61
N ALA A 174 3.29 5.61 -7.37
CA ALA A 174 1.98 6.04 -7.86
C ALA A 174 1.60 7.41 -7.30
N ASP A 175 1.96 7.67 -6.04
CA ASP A 175 1.59 8.93 -5.40
C ASP A 175 2.35 10.12 -6.01
N LEU A 176 3.65 9.93 -6.32
CA LEU A 176 4.41 10.99 -6.97
C LEU A 176 3.89 11.22 -8.38
N ILE A 177 3.57 10.15 -9.10
CA ILE A 177 2.99 10.31 -10.42
C ILE A 177 1.67 11.06 -10.33
N SER A 178 0.84 10.73 -9.33
N SER A 178 0.84 10.73 -9.33
CA SER A 178 -0.44 11.41 -9.14
CA SER A 178 -0.43 11.43 -9.15
C SER A 178 -0.24 12.90 -8.87
C SER A 178 -0.22 12.91 -8.89
N TYR A 179 0.74 13.24 -8.03
CA TYR A 179 1.06 14.65 -7.77
C TYR A 179 1.44 15.37 -9.08
N LEU A 180 2.29 14.75 -9.89
CA LEU A 180 2.70 15.37 -11.15
C LEU A 180 1.55 15.45 -12.15
N MET A 181 0.67 14.44 -12.16
N MET A 181 0.69 14.43 -12.16
CA MET A 181 -0.44 14.47 -13.11
CA MET A 181 -0.46 14.42 -13.07
C MET A 181 -1.34 15.67 -12.88
C MET A 181 -1.33 15.66 -12.88
N ALA A 182 -1.45 16.14 -11.63
CA ALA A 182 -2.34 17.24 -11.33
C ALA A 182 -1.95 18.55 -12.01
N TYR A 183 -0.68 18.69 -12.42
CA TYR A 183 -0.25 19.88 -13.15
C TYR A 183 -0.82 19.91 -14.56
N ASN A 184 -1.14 18.75 -15.13
CA ASN A 184 -1.66 18.67 -16.49
C ASN A 184 -0.72 19.34 -17.50
N ALA A 185 0.58 19.09 -17.38
CA ALA A 185 1.61 19.83 -18.10
C ALA A 185 2.44 18.90 -18.97
N PRO A 186 2.68 19.23 -20.24
CA PRO A 186 3.42 18.30 -21.11
C PRO A 186 4.85 18.04 -20.66
N SER A 187 5.57 19.04 -20.14
CA SER A 187 6.93 18.81 -19.69
C SER A 187 6.94 17.86 -18.50
N LEU A 188 5.87 17.82 -17.71
CA LEU A 188 5.84 16.93 -16.56
C LEU A 188 5.33 15.54 -16.94
N LYS A 189 4.55 15.40 -18.01
CA LYS A 189 4.25 14.07 -18.49
C LYS A 189 5.53 13.34 -18.89
N GLU A 190 6.50 14.08 -19.45
CA GLU A 190 7.80 13.48 -19.76
C GLU A 190 8.45 12.90 -18.51
N TRP A 191 8.40 13.64 -17.40
CA TRP A 191 8.98 13.16 -16.15
C TRP A 191 8.14 12.03 -15.54
N ILE A 192 6.82 12.03 -15.74
CA ILE A 192 6.01 10.90 -15.33
C ILE A 192 6.46 9.64 -16.07
N ASP A 193 6.71 9.76 -17.37
CA ASP A 193 7.16 8.59 -18.12
C ASP A 193 8.52 8.10 -17.64
N VAL A 194 9.40 9.03 -17.26
CA VAL A 194 10.69 8.64 -16.68
C VAL A 194 10.48 7.85 -15.39
N ILE A 195 9.63 8.37 -14.50
CA ILE A 195 9.38 7.69 -13.22
C ILE A 195 8.80 6.30 -13.45
N HIS A 196 7.86 6.18 -14.40
CA HIS A 196 7.28 4.87 -14.72
C HIS A 196 8.36 3.84 -15.03
N LYS A 197 9.44 4.28 -15.65
CA LYS A 197 10.51 3.37 -16.08
C LYS A 197 11.50 3.03 -14.97
N HIS A 198 11.32 3.55 -13.76
CA HIS A 198 12.26 3.28 -12.69
C HIS A 198 11.60 2.53 -11.55
N ASP A 199 12.44 1.87 -10.75
CA ASP A 199 12.02 1.04 -9.64
C ASP A 199 12.16 1.84 -8.36
N LEU A 200 11.03 2.28 -7.80
CA LEU A 200 11.02 3.09 -6.57
C LEU A 200 10.68 2.27 -5.33
N SER A 201 10.82 0.94 -5.41
CA SER A 201 10.29 0.08 -4.35
C SER A 201 11.00 0.25 -3.00
N GLU A 202 12.22 0.75 -2.97
CA GLU A 202 12.93 0.90 -1.70
C GLU A 202 12.42 2.08 -0.88
N THR A 203 11.50 2.88 -1.41
CA THR A 203 11.10 4.12 -0.72
C THR A 203 10.33 3.81 0.56
N ASN A 204 10.77 4.40 1.68
CA ASN A 204 10.18 4.13 2.97
C ASN A 204 9.46 5.34 3.57
N VAL A 205 9.26 6.40 2.78
CA VAL A 205 8.44 7.54 3.21
C VAL A 205 7.15 7.58 2.41
N TYR A 206 6.14 8.24 3.00
CA TYR A 206 4.88 8.53 2.33
C TYR A 206 4.89 9.95 1.80
N LEU A 207 4.35 10.13 0.58
CA LEU A 207 4.25 11.47 0.01
C LEU A 207 3.00 12.17 0.53
N ILE A 208 3.16 13.43 0.92
CA ILE A 208 2.01 14.25 1.31
C ILE A 208 2.06 15.52 0.46
N GLY A 209 1.18 15.62 -0.51
CA GLY A 209 1.18 16.76 -1.41
C GLY A 209 -0.09 17.59 -1.27
N SER A 210 0.02 18.84 -1.68
CA SER A 210 -1.13 19.71 -1.89
C SER A 210 -1.11 20.16 -3.34
N THR A 211 -2.29 20.26 -3.93
N THR A 211 -2.28 20.17 -3.97
CA THR A 211 -2.43 20.80 -5.27
CA THR A 211 -2.44 20.78 -5.29
C THR A 211 -3.72 21.60 -5.31
C THR A 211 -3.69 21.63 -5.27
N PRO A 212 -3.77 22.66 -6.12
CA PRO A 212 -4.95 23.54 -6.07
C PRO A 212 -6.19 22.84 -6.56
N GLY A 213 -7.29 23.05 -5.87
CA GLY A 213 -8.54 22.49 -6.33
C GLY A 213 -9.58 22.41 -5.22
N ARG A 214 -10.72 21.86 -5.61
N ARG A 214 -10.73 21.88 -5.61
CA ARG A 214 -11.84 21.62 -4.70
CA ARG A 214 -11.84 21.62 -4.69
C ARG A 214 -12.15 20.13 -4.77
C ARG A 214 -12.15 20.13 -4.77
N PHE A 215 -11.86 19.42 -3.69
CA PHE A 215 -11.87 17.96 -3.68
C PHE A 215 -12.99 17.41 -2.83
N GLN A 216 -13.82 16.56 -3.42
CA GLN A 216 -14.90 15.92 -2.68
C GLN A 216 -14.83 14.41 -2.87
N GLY A 217 -15.58 13.71 -2.03
CA GLY A 217 -15.70 12.27 -2.20
C GLY A 217 -14.39 11.56 -1.90
N SER A 218 -14.02 10.62 -2.77
CA SER A 218 -12.77 9.90 -2.59
C SER A 218 -11.57 10.84 -2.66
N GLN A 219 -11.63 11.80 -3.59
CA GLN A 219 -10.51 12.71 -3.83
C GLN A 219 -10.16 13.56 -2.62
N LYS A 220 -11.07 13.64 -1.64
CA LYS A 220 -10.82 14.43 -0.44
C LYS A 220 -9.57 13.97 0.30
N ASP A 221 -9.32 12.66 0.31
CA ASP A 221 -8.18 12.15 1.06
C ASP A 221 -6.86 12.22 0.31
N ASN A 222 -6.85 12.77 -0.92
CA ASN A 222 -5.64 12.76 -1.74
C ASN A 222 -4.64 13.83 -1.32
N TRP A 223 -5.08 14.90 -0.67
CA TRP A 223 -4.22 16.09 -0.56
C TRP A 223 -4.34 16.73 0.82
N GLY A 224 -3.33 17.55 1.15
CA GLY A 224 -3.39 18.41 2.32
C GLY A 224 -3.61 17.69 3.63
N HIS A 225 -4.35 18.34 4.54
CA HIS A 225 -4.41 17.74 5.86
C HIS A 225 -5.28 16.50 5.90
N PHE A 226 -6.20 16.33 4.94
CA PHE A 226 -6.94 15.07 4.85
C PHE A 226 -6.06 13.92 4.37
N ARG A 227 -5.07 14.22 3.53
CA ARG A 227 -4.10 13.18 3.15
C ARG A 227 -3.32 12.73 4.38
N LEU A 228 -2.87 13.68 5.20
CA LEU A 228 -2.18 13.31 6.44
C LEU A 228 -3.09 12.48 7.34
N LYS A 229 -4.32 12.94 7.53
CA LYS A 229 -5.26 12.21 8.37
C LYS A 229 -5.43 10.77 7.87
N LYS A 230 -5.57 10.59 6.56
CA LYS A 230 -5.80 9.26 6.01
C LYS A 230 -4.62 8.35 6.30
N LEU A 231 -3.40 8.87 6.13
CA LEU A 231 -2.21 8.05 6.37
C LEU A 231 -2.07 7.68 7.83
N LEU A 232 -2.42 8.61 8.73
CA LEU A 232 -2.31 8.34 10.16
C LEU A 232 -3.38 7.35 10.60
N LYS A 233 -4.57 7.43 10.00
CA LYS A 233 -5.62 6.46 10.26
C LYS A 233 -5.18 5.06 9.82
N ASP A 234 -4.58 4.96 8.64
CA ASP A 234 -4.29 3.66 8.03
C ASP A 234 -2.97 3.05 8.51
N HIS A 235 -2.01 3.85 8.92
CA HIS A 235 -0.64 3.35 9.09
C HIS A 235 0.00 3.75 10.40
N ALA A 236 -0.75 4.34 11.32
CA ALA A 236 -0.32 4.53 12.69
C ALA A 236 -1.34 3.89 13.61
N SER A 237 -0.94 3.64 14.85
CA SER A 237 -1.83 3.05 15.85
C SER A 237 -1.93 3.96 17.05
N SER A 238 -3.11 4.02 17.64
CA SER A 238 -3.29 4.82 18.84
C SER A 238 -2.71 4.08 20.03
N MET A 239 -2.14 4.82 20.96
CA MET A 239 -1.60 4.27 22.19
C MET A 239 -2.44 4.72 23.38
N PRO A 240 -2.32 4.05 24.52
CA PRO A 240 -2.98 4.57 25.73
C PRO A 240 -2.45 5.96 26.03
N ASN A 241 -3.33 6.82 26.53
CA ASN A 241 -2.95 8.18 26.88
C ASN A 241 -2.51 8.97 25.66
N ALA A 242 -3.05 8.61 24.48
CA ALA A 242 -2.72 9.35 23.26
C ALA A 242 -3.06 10.82 23.38
N GLU A 243 -4.08 11.15 24.18
CA GLU A 243 -4.47 12.54 24.40
C GLU A 243 -3.36 13.35 25.06
N SER A 244 -2.36 12.67 25.63
CA SER A 244 -1.22 13.35 26.26
C SER A 244 -0.05 13.58 25.32
N TRP A 245 -0.07 12.98 24.12
CA TRP A 245 1.00 13.15 23.14
C TRP A 245 0.76 14.45 22.39
N PRO A 246 1.61 15.45 22.57
CA PRO A 246 1.39 16.74 21.91
C PRO A 246 1.49 16.64 20.40
N VAL A 247 1.04 17.72 19.74
CA VAL A 247 1.31 17.97 18.32
C VAL A 247 2.26 19.15 18.26
N VAL A 248 3.29 19.06 17.42
CA VAL A 248 4.24 20.16 17.24
C VAL A 248 4.22 20.57 15.77
N GLY A 249 4.06 21.86 15.52
CA GLY A 249 4.16 22.39 14.17
C GLY A 249 5.16 23.52 14.16
N GLN A 250 5.91 23.62 13.06
CA GLN A 250 7.10 24.48 13.00
C GLN A 250 7.22 24.99 11.58
N PHE A 251 7.28 26.32 11.40
CA PHE A 251 7.01 26.89 10.08
C PHE A 251 7.66 28.25 9.98
N SER A 252 7.67 28.79 8.76
CA SER A 252 8.30 30.09 8.49
C SER A 252 7.30 31.16 8.07
N SER A 253 6.02 30.82 7.94
CA SER A 253 5.01 31.80 7.56
C SER A 253 3.68 31.38 8.14
N VAL A 254 2.78 32.35 8.31
CA VAL A 254 1.49 32.13 8.93
C VAL A 254 0.44 32.83 8.08
N GLY A 255 -0.63 32.10 7.75
CA GLY A 255 -1.75 32.67 7.01
C GLY A 255 -2.82 33.17 7.95
N SER A 256 -3.90 33.70 7.36
N SER A 256 -3.89 33.71 7.35
CA SER A 256 -5.05 34.13 8.13
CA SER A 256 -5.06 34.12 8.12
C SER A 256 -5.85 32.90 8.54
C SER A 256 -5.83 32.88 8.54
N LEU A 257 -5.90 32.61 9.85
CA LEU A 257 -6.53 31.40 10.35
C LEU A 257 -7.94 31.62 10.89
N GLY A 258 -8.40 32.86 10.98
CA GLY A 258 -9.73 33.12 11.48
C GLY A 258 -9.69 33.84 12.82
N ALA A 259 -10.89 34.19 13.28
CA ALA A 259 -11.02 35.06 14.46
C ALA A 259 -10.79 34.33 15.77
N ASP A 260 -10.82 33.00 15.79
CA ASP A 260 -10.49 32.25 16.99
C ASP A 260 -10.03 30.85 16.58
N GLU A 261 -9.57 30.09 17.58
CA GLU A 261 -8.96 28.80 17.28
C GLU A 261 -9.97 27.78 16.77
N SER A 262 -11.27 28.00 16.99
CA SER A 262 -12.26 27.03 16.54
C SER A 262 -12.55 27.11 15.05
N LYS A 263 -12.12 28.18 14.37
CA LYS A 263 -12.47 28.36 12.97
C LYS A 263 -11.72 27.39 12.06
N TRP A 264 -10.46 27.09 12.38
CA TRP A 264 -9.69 26.19 11.53
C TRP A 264 -8.58 25.46 12.30
N LEU A 265 -7.83 26.20 13.12
CA LEU A 265 -6.60 25.66 13.71
C LEU A 265 -6.90 24.45 14.59
N CYS A 266 -7.82 24.58 15.54
CA CYS A 266 -8.11 23.47 16.42
C CYS A 266 -9.29 22.62 15.98
N SER A 267 -10.00 23.02 14.93
CA SER A 267 -11.19 22.28 14.50
C SER A 267 -10.92 21.31 13.36
N GLU A 268 -10.17 21.70 12.35
CA GLU A 268 -9.83 20.69 11.36
C GLU A 268 -8.34 20.42 11.27
N PHE A 269 -7.48 21.44 11.32
CA PHE A 269 -6.04 21.21 11.27
C PHE A 269 -5.56 20.32 12.42
N LYS A 270 -5.80 20.75 13.66
CA LYS A 270 -5.37 19.95 14.80
C LYS A 270 -6.04 18.59 14.80
N GLU A 271 -7.31 18.53 14.42
CA GLU A 271 -8.04 17.26 14.42
C GLU A 271 -7.41 16.26 13.46
N SER A 272 -6.99 16.73 12.27
CA SER A 272 -6.26 15.84 11.38
C SER A 272 -4.93 15.42 12.01
N MET A 273 -4.20 16.37 12.60
CA MET A 273 -2.88 16.02 13.09
C MET A 273 -2.90 15.12 14.32
N LEU A 274 -4.01 15.10 15.08
N LEU A 274 -3.98 15.08 15.08
CA LEU A 274 -4.15 14.22 16.23
CA LEU A 274 -4.00 14.19 16.23
C LEU A 274 -4.41 12.77 15.86
C LEU A 274 -4.54 12.80 15.90
N THR A 275 -4.87 12.52 14.63
CA THR A 275 -5.35 11.20 14.26
C THR A 275 -4.29 10.13 14.47
N LEU A 276 -4.72 9.00 15.05
CA LEU A 276 -3.86 7.82 15.12
C LEU A 276 -4.76 6.60 15.04
N GLY A 277 -4.59 5.80 13.99
CA GLY A 277 -5.30 4.54 13.92
C GLY A 277 -6.74 4.71 13.48
N LYS A 278 -7.44 3.56 13.46
CA LYS A 278 -8.70 3.44 12.74
C LYS A 278 -9.94 3.75 13.57
N GLU A 279 -9.85 3.70 14.90
CA GLU A 279 -11.03 3.87 15.72
C GLU A 279 -11.35 5.35 15.89
N SER A 280 -12.37 5.64 16.70
CA SER A 280 -12.86 7.00 16.86
C SER A 280 -12.76 7.49 18.30
N SER A 286 -10.79 18.35 22.29
CA SER A 286 -9.54 17.67 22.60
C SER A 286 -8.61 18.48 23.49
N SER A 287 -7.96 17.80 24.43
CA SER A 287 -6.96 18.41 25.30
C SER A 287 -5.54 18.10 24.85
N VAL A 288 -5.37 17.60 23.63
CA VAL A 288 -4.01 17.35 23.13
C VAL A 288 -3.26 18.68 23.06
N PRO A 289 -2.09 18.81 23.68
CA PRO A 289 -1.35 20.08 23.62
C PRO A 289 -0.87 20.36 22.20
N LEU A 290 -0.95 21.63 21.80
CA LEU A 290 -0.47 22.06 20.49
C LEU A 290 0.65 23.08 20.67
N TYR A 291 1.85 22.73 20.25
CA TYR A 291 3.01 23.62 20.26
C TYR A 291 3.28 24.12 18.84
N LEU A 292 3.34 25.43 18.66
CA LEU A 292 3.71 26.03 17.38
C LEU A 292 5.04 26.77 17.55
N ILE A 293 6.01 26.46 16.69
CA ILE A 293 7.35 27.03 16.79
C ILE A 293 7.54 28.02 15.64
N TYR A 294 7.82 29.28 15.98
CA TYR A 294 7.94 30.33 14.99
C TYR A 294 8.85 31.40 15.58
N PRO A 295 9.85 31.89 14.84
CA PRO A 295 10.85 32.80 15.43
C PRO A 295 10.24 34.06 16.04
N SER A 296 10.67 34.38 17.26
CA SER A 296 10.40 35.68 17.87
C SER A 296 11.23 36.78 17.20
N VAL A 297 10.88 38.03 17.51
CA VAL A 297 11.70 39.15 17.07
C VAL A 297 13.14 39.00 17.57
N GLU A 298 13.29 38.61 18.84
N GLU A 298 13.30 38.61 18.84
CA GLU A 298 14.62 38.44 19.40
CA GLU A 298 14.63 38.43 19.40
C GLU A 298 15.39 37.31 18.71
C GLU A 298 15.39 37.32 18.70
N ASN A 299 14.71 36.22 18.36
CA ASN A 299 15.34 35.17 17.57
C ASN A 299 15.93 35.73 16.28
N VAL A 300 15.16 36.58 15.58
CA VAL A 300 15.62 37.12 14.30
C VAL A 300 16.74 38.12 14.50
N ARG A 301 16.60 39.02 15.49
CA ARG A 301 17.61 40.05 15.73
C ARG A 301 18.98 39.45 16.00
N THR A 302 19.04 38.41 16.83
CA THR A 302 20.32 37.84 17.22
C THR A 302 20.78 36.73 16.29
N SER A 303 20.10 36.52 15.16
CA SER A 303 20.45 35.47 14.24
C SER A 303 21.74 35.80 13.47
N LEU A 304 22.29 34.76 12.82
CA LEU A 304 23.46 34.96 11.97
C LEU A 304 23.23 36.06 10.93
N GLU A 305 22.06 36.05 10.27
CA GLU A 305 21.74 37.04 9.25
C GLU A 305 21.33 38.37 9.84
N GLY A 306 20.85 38.39 11.07
CA GLY A 306 20.25 39.58 11.63
C GLY A 306 18.83 39.77 11.10
N TYR A 307 18.38 41.00 11.20
CA TYR A 307 17.02 41.33 10.76
C TYR A 307 16.71 40.89 9.32
N PRO A 308 17.66 40.92 8.38
CA PRO A 308 17.35 40.42 7.03
C PRO A 308 16.82 39.00 6.97
N ALA A 309 17.07 38.18 8.00
CA ALA A 309 16.45 36.85 8.04
C ALA A 309 14.93 36.96 8.00
N GLY A 310 14.38 38.05 8.54
CA GLY A 310 12.95 38.25 8.57
C GLY A 310 12.34 38.50 7.22
N GLY A 311 13.14 38.80 6.20
CA GLY A 311 12.62 38.86 4.85
C GLY A 311 12.12 37.51 4.35
N SER A 312 12.55 36.43 5.00
CA SER A 312 12.12 35.07 4.67
C SER A 312 11.19 34.50 5.73
N LEU A 313 10.61 35.36 6.57
CA LEU A 313 9.61 34.98 7.56
C LEU A 313 8.41 35.90 7.36
N PRO A 314 7.63 35.68 6.29
CA PRO A 314 6.71 36.74 5.80
C PRO A 314 5.32 36.77 6.44
N TYR A 315 5.29 37.03 7.74
CA TYR A 315 4.07 37.18 8.51
C TYR A 315 3.75 38.67 8.57
N SER A 316 2.64 39.08 7.95
CA SER A 316 2.33 40.50 7.84
C SER A 316 1.55 41.01 9.04
N ILE A 317 1.68 42.31 9.32
CA ILE A 317 0.94 42.86 10.45
C ILE A 317 -0.56 42.83 10.20
N GLN A 318 -0.98 42.95 8.93
CA GLN A 318 -2.40 42.92 8.61
C GLN A 318 -3.02 41.57 8.99
N THR A 319 -2.29 40.48 8.73
CA THR A 319 -2.76 39.16 9.14
C THR A 319 -2.68 39.00 10.66
N ALA A 320 -1.55 39.37 11.26
CA ALA A 320 -1.31 39.08 12.67
C ALA A 320 -2.30 39.82 13.58
N GLU A 321 -2.64 41.07 13.25
CA GLU A 321 -3.50 41.83 14.16
C GLU A 321 -4.94 41.30 14.18
N LYS A 322 -5.30 40.44 13.23
CA LYS A 322 -6.61 39.82 13.21
C LYS A 322 -6.66 38.53 14.01
N GLN A 323 -5.55 38.07 14.58
CA GLN A 323 -5.53 36.78 15.26
C GLN A 323 -4.52 36.77 16.40
N ASN A 324 -4.59 37.77 17.29
CA ASN A 324 -3.68 37.77 18.42
C ASN A 324 -3.85 36.55 19.31
N TRP A 325 -5.04 35.91 19.29
CA TRP A 325 -5.24 34.68 20.03
C TRP A 325 -4.19 33.62 19.66
N LEU A 326 -3.71 33.65 18.42
CA LEU A 326 -2.79 32.61 17.94
C LEU A 326 -1.46 32.65 18.66
N HIS A 327 -0.98 33.83 19.04
CA HIS A 327 0.40 33.95 19.50
C HIS A 327 0.62 33.33 20.87
N SER A 328 -0.44 33.04 21.62
N SER A 328 -0.45 33.04 21.61
CA SER A 328 -0.31 32.29 22.86
CA SER A 328 -0.31 32.29 22.85
C SER A 328 0.08 30.83 22.63
C SER A 328 0.18 30.87 22.62
N TYR A 329 0.08 30.37 21.39
CA TYR A 329 0.56 29.04 21.02
C TYR A 329 2.03 29.03 20.63
N PHE A 330 2.67 30.19 20.54
CA PHE A 330 3.96 30.30 19.87
C PHE A 330 5.11 30.02 20.83
N HIS A 331 6.11 29.29 20.32
CA HIS A 331 7.31 28.92 21.04
C HIS A 331 8.53 29.37 20.24
N LYS A 332 9.60 29.72 20.96
CA LYS A 332 10.81 30.24 20.32
C LYS A 332 11.49 29.19 19.45
N TRP A 333 12.25 29.66 18.46
CA TRP A 333 13.16 28.76 17.74
C TRP A 333 14.39 28.50 18.59
N SER A 334 14.69 27.21 18.80
CA SER A 334 15.88 26.82 19.54
C SER A 334 16.39 25.51 18.94
N ALA A 335 17.68 25.45 18.62
CA ALA A 335 18.21 24.29 17.91
C ALA A 335 19.65 24.01 18.35
N GLU A 336 19.90 24.02 19.67
CA GLU A 336 21.21 23.63 20.17
C GLU A 336 21.60 22.24 19.72
N THR A 337 20.62 21.33 19.57
CA THR A 337 20.93 19.95 19.19
C THR A 337 21.68 19.90 17.86
N SER A 338 21.45 20.85 16.96
CA SER A 338 22.10 20.88 15.66
C SER A 338 22.95 22.14 15.48
N GLY A 339 23.25 22.85 16.57
CA GLY A 339 24.04 24.07 16.52
C GLY A 339 23.42 25.19 15.71
N ARG A 340 22.10 25.22 15.58
CA ARG A 340 21.43 26.09 14.62
C ARG A 340 20.44 27.06 15.27
N SER A 341 20.60 27.36 16.56
CA SER A 341 19.69 28.31 17.19
C SER A 341 19.75 29.68 16.52
N ASN A 342 20.88 30.04 15.91
CA ASN A 342 21.01 31.33 15.25
C ASN A 342 20.85 31.25 13.74
N ALA A 343 20.46 30.08 13.21
CA ALA A 343 20.21 29.89 11.79
C ALA A 343 18.70 29.84 11.64
N MET A 344 18.10 30.94 11.18
CA MET A 344 16.64 31.03 11.24
C MET A 344 16.00 29.95 10.37
N PRO A 345 14.87 29.39 10.81
CA PRO A 345 14.26 28.27 10.09
C PRO A 345 13.49 28.72 8.85
N HIS A 346 13.80 28.06 7.72
CA HIS A 346 12.91 28.06 6.58
C HIS A 346 12.40 26.66 6.29
N ILE A 347 12.92 25.67 7.03
CA ILE A 347 12.31 24.33 7.06
C ILE A 347 10.90 24.44 7.65
N LYS A 348 10.03 23.51 7.29
CA LYS A 348 8.75 23.35 7.96
C LYS A 348 8.65 21.91 8.40
N THR A 349 8.25 21.67 9.65
CA THR A 349 8.13 20.31 10.14
C THR A 349 6.90 20.20 11.05
N TYR A 350 6.36 19.00 11.11
CA TYR A 350 5.24 18.68 12.00
C TYR A 350 5.49 17.29 12.57
N MET A 351 5.17 17.10 13.85
CA MET A 351 5.48 15.80 14.45
C MET A 351 4.60 15.57 15.68
N ARG A 352 4.67 14.34 16.20
CA ARG A 352 3.79 13.90 17.30
C ARG A 352 4.64 13.28 18.40
N PRO A 353 5.24 14.09 19.27
CA PRO A 353 6.06 13.52 20.35
C PRO A 353 5.24 12.94 21.49
N SER A 354 5.91 12.10 22.28
CA SER A 354 5.35 11.55 23.51
C SER A 354 5.28 12.66 24.57
N PRO A 355 4.57 12.42 25.67
CA PRO A 355 4.41 13.49 26.67
C PRO A 355 5.73 13.99 27.24
N ASP A 356 6.77 13.16 27.28
CA ASP A 356 8.09 13.59 27.74
C ASP A 356 9.06 13.86 26.60
N PHE A 357 8.57 13.91 25.36
CA PHE A 357 9.34 14.28 24.18
C PHE A 357 10.51 13.33 23.90
N SER A 358 10.48 12.11 24.44
CA SER A 358 11.57 11.16 24.22
C SER A 358 11.37 10.29 22.99
N LYS A 359 10.14 10.21 22.50
CA LYS A 359 9.77 9.43 21.32
C LYS A 359 8.88 10.28 20.45
N ILE A 360 8.74 9.89 19.17
CA ILE A 360 7.75 10.52 18.30
C ILE A 360 6.99 9.43 17.56
N ALA A 361 5.69 9.66 17.38
CA ALA A 361 4.85 8.74 16.61
C ALA A 361 5.00 8.91 15.10
N TRP A 362 5.51 10.05 14.64
CA TRP A 362 5.71 10.34 13.22
C TRP A 362 6.37 11.71 13.09
N PHE A 363 6.90 11.97 11.90
CA PHE A 363 7.60 13.21 11.59
C PHE A 363 7.35 13.55 10.14
N LEU A 364 7.04 14.82 9.85
CA LEU A 364 6.80 15.28 8.49
C LEU A 364 7.71 16.46 8.22
N VAL A 365 8.45 16.43 7.10
CA VAL A 365 9.13 17.62 6.59
C VAL A 365 8.43 18.02 5.30
N THR A 366 8.18 19.32 5.12
CA THR A 366 7.30 19.73 4.05
C THR A 366 7.58 21.18 3.67
N SER A 367 7.01 21.60 2.54
CA SER A 367 6.97 23.02 2.20
C SER A 367 5.82 23.74 2.89
N ALA A 368 4.85 23.03 3.45
CA ALA A 368 3.60 23.64 3.89
C ALA A 368 3.78 24.45 5.19
N ASN A 369 3.46 25.75 5.11
CA ASN A 369 3.43 26.61 6.29
C ASN A 369 2.09 26.49 7.02
N LEU A 370 1.93 27.29 8.08
CA LEU A 370 0.70 27.21 8.89
C LEU A 370 -0.36 28.07 8.20
N SER A 371 -0.99 27.51 7.18
CA SER A 371 -1.96 28.28 6.40
C SER A 371 -3.01 27.37 5.76
N LYS A 372 -4.21 27.92 5.61
CA LYS A 372 -5.28 27.22 4.93
C LYS A 372 -4.99 27.00 3.46
N ALA A 373 -4.27 27.95 2.83
CA ALA A 373 -3.93 27.83 1.42
C ALA A 373 -3.10 26.57 1.18
N ALA A 374 -2.21 26.25 2.12
CA ALA A 374 -1.27 25.14 1.99
C ALA A 374 -1.90 23.80 2.38
N TRP A 375 -2.67 23.79 3.47
CA TRP A 375 -3.19 22.56 4.04
C TRP A 375 -4.62 22.23 3.61
N GLY A 376 -5.36 23.23 3.15
CA GLY A 376 -6.75 23.05 2.76
C GLY A 376 -7.70 23.45 3.87
N ALA A 377 -8.88 23.94 3.46
CA ALA A 377 -9.95 24.31 4.37
C ALA A 377 -11.25 23.70 3.84
N LEU A 378 -12.04 23.18 4.76
CA LEU A 378 -13.28 22.50 4.37
C LEU A 378 -14.31 23.53 3.93
N GLU A 379 -15.09 23.18 2.90
CA GLU A 379 -16.13 24.02 2.34
C GLU A 379 -17.35 23.16 2.11
N LYS A 380 -18.46 23.82 1.75
CA LYS A 380 -19.68 23.12 1.37
C LYS A 380 -20.12 22.15 2.45
N ASN A 381 -20.32 22.69 3.66
CA ASN A 381 -20.87 21.92 4.78
C ASN A 381 -19.97 20.72 5.10
N GLY A 382 -18.65 20.94 5.04
CA GLY A 382 -17.69 19.91 5.36
C GLY A 382 -17.51 18.81 4.32
N THR A 383 -18.02 18.97 3.10
CA THR A 383 -17.93 17.93 2.09
C THR A 383 -16.85 18.16 1.06
N GLN A 384 -16.19 19.31 1.08
CA GLN A 384 -15.23 19.65 0.04
C GLN A 384 -14.00 20.26 0.70
N LEU A 385 -12.80 19.82 0.29
CA LEU A 385 -11.56 20.40 0.78
C LEU A 385 -10.98 21.28 -0.31
N MET A 386 -10.86 22.58 -0.03
CA MET A 386 -10.35 23.54 -0.99
C MET A 386 -8.91 23.88 -0.63
N ILE A 387 -8.01 23.74 -1.61
CA ILE A 387 -6.58 24.01 -1.49
C ILE A 387 -6.20 25.02 -2.56
N ARG A 388 -5.42 26.03 -2.18
CA ARG A 388 -5.03 27.07 -3.14
C ARG A 388 -3.67 26.83 -3.78
N SER A 389 -2.78 26.07 -3.15
N SER A 389 -2.79 26.05 -3.15
CA SER A 389 -1.36 26.10 -3.51
CA SER A 389 -1.38 26.06 -3.47
C SER A 389 -0.78 24.70 -3.65
C SER A 389 -0.86 24.66 -3.82
N TYR A 390 0.34 24.63 -4.37
CA TYR A 390 1.13 23.40 -4.49
C TYR A 390 2.09 23.30 -3.30
N GLU A 391 2.06 22.15 -2.62
CA GLU A 391 2.96 21.88 -1.51
C GLU A 391 3.44 20.44 -1.62
N LEU A 392 4.56 20.14 -0.97
CA LEU A 392 5.03 18.75 -1.00
C LEU A 392 5.90 18.47 0.21
N GLY A 393 5.69 17.28 0.80
CA GLY A 393 6.50 16.86 1.93
C GLY A 393 6.56 15.35 1.98
N VAL A 394 7.34 14.82 2.91
CA VAL A 394 7.42 13.38 3.11
C VAL A 394 7.20 13.06 4.58
N LEU A 395 6.45 11.99 4.82
CA LEU A 395 6.06 11.55 6.16
C LEU A 395 6.83 10.31 6.55
N PHE A 396 7.47 10.37 7.72
CA PHE A 396 8.17 9.23 8.31
C PHE A 396 7.27 8.60 9.35
N LEU A 397 6.84 7.35 9.10
CA LEU A 397 5.97 6.61 10.00
C LEU A 397 6.72 5.41 10.55
N PRO A 398 6.67 5.17 11.86
CA PRO A 398 7.41 4.03 12.42
C PRO A 398 7.07 2.71 11.76
N SER A 399 5.79 2.50 11.41
CA SER A 399 5.41 1.25 10.75
C SER A 399 6.18 1.01 9.46
N ALA A 400 6.54 2.07 8.73
CA ALA A 400 7.28 1.91 7.49
C ALA A 400 8.71 1.47 7.74
N PHE A 401 9.16 1.43 9.00
CA PHE A 401 10.50 0.98 9.34
C PHE A 401 10.46 -0.20 10.29
N GLY A 402 9.31 -0.83 10.44
CA GLY A 402 9.18 -1.96 11.35
C GLY A 402 9.22 -1.58 12.81
N LEU A 403 8.75 -0.38 13.15
CA LEU A 403 8.83 0.13 14.51
C LEU A 403 7.47 0.59 14.99
N ASP A 404 7.34 0.70 16.33
CA ASP A 404 6.13 1.26 16.93
C ASP A 404 6.24 2.75 17.15
N SER A 405 7.45 3.24 17.39
CA SER A 405 7.73 4.66 17.54
C SER A 405 9.20 4.91 17.20
N PHE A 406 9.55 6.18 17.02
CA PHE A 406 10.93 6.61 16.85
C PHE A 406 11.46 7.17 18.16
N LYS A 407 12.66 6.77 18.55
CA LYS A 407 13.34 7.49 19.62
C LYS A 407 13.88 8.80 19.05
N VAL A 408 13.86 9.85 19.86
CA VAL A 408 14.38 11.14 19.42
C VAL A 408 15.89 11.15 19.61
N LYS A 409 16.62 11.50 18.55
CA LYS A 409 18.08 11.58 18.62
C LYS A 409 18.51 12.73 19.52
N GLN A 410 19.46 12.46 20.40
CA GLN A 410 19.80 13.42 21.45
C GLN A 410 20.59 14.61 20.90
N LYS A 411 21.57 14.34 20.05
CA LYS A 411 22.32 15.37 19.34
C LYS A 411 22.25 15.04 17.85
N PHE A 412 21.78 16.02 17.07
CA PHE A 412 21.40 15.77 15.68
C PHE A 412 22.52 15.10 14.89
N PHE A 413 23.76 15.56 15.08
CA PHE A 413 24.91 15.08 14.33
C PHE A 413 25.77 14.08 15.11
N ALA A 414 25.26 13.54 16.22
CA ALA A 414 26.04 12.61 17.03
C ALA A 414 25.86 11.19 16.51
N GLY A 415 26.29 10.21 17.31
CA GLY A 415 26.14 8.80 16.95
C GLY A 415 24.76 8.26 17.29
N PRO A 419 22.29 3.69 18.45
CA PRO A 419 21.50 3.03 17.39
C PRO A 419 21.04 4.00 16.31
N MET A 420 20.88 3.49 15.09
CA MET A 420 20.46 4.31 13.96
C MET A 420 18.95 4.40 13.82
N ALA A 421 18.19 3.70 14.67
CA ALA A 421 16.72 3.76 14.67
C ALA A 421 16.17 4.94 15.48
N THR A 422 16.96 5.99 15.64
CA THR A 422 16.53 7.17 16.36
C THR A 422 16.39 8.33 15.37
N PHE A 423 15.31 9.08 15.50
CA PHE A 423 15.06 10.01 14.42
C PHE A 423 15.76 11.35 14.69
N PRO A 424 16.40 11.95 13.66
CA PRO A 424 17.15 13.19 13.88
C PRO A 424 16.25 14.44 13.87
N VAL A 425 15.62 14.70 14.99
CA VAL A 425 14.84 15.94 15.12
C VAL A 425 15.80 17.12 15.16
N PRO A 426 15.65 18.12 14.29
CA PRO A 426 16.69 19.15 14.12
C PRO A 426 16.63 20.32 15.09
N TYR A 427 15.63 20.40 15.98
CA TYR A 427 15.55 21.47 16.95
C TYR A 427 15.23 20.89 18.33
N ASP A 428 15.33 21.75 19.35
CA ASP A 428 15.28 21.30 20.74
C ASP A 428 13.86 21.02 21.20
N LEU A 429 13.74 20.00 22.06
CA LEU A 429 12.53 19.64 22.77
C LEU A 429 12.79 19.63 24.27
N PRO A 430 11.79 20.01 25.09
CA PRO A 430 10.49 20.56 24.69
C PRO A 430 10.67 21.97 24.13
N PRO A 431 9.74 22.41 23.28
CA PRO A 431 9.81 23.78 22.79
C PRO A 431 9.56 24.76 23.94
N GLU A 432 10.15 25.94 23.84
CA GLU A 432 10.10 26.93 24.91
C GLU A 432 9.09 28.02 24.56
N LEU A 433 8.10 28.23 25.45
CA LEU A 433 7.11 29.26 25.20
C LEU A 433 7.76 30.64 25.12
N TYR A 434 7.21 31.50 24.26
CA TYR A 434 7.60 32.91 24.26
C TYR A 434 7.52 33.46 25.68
N GLY A 435 8.46 34.33 26.02
CA GLY A 435 8.34 35.09 27.25
C GLY A 435 7.34 36.23 27.10
N SER A 436 7.03 36.89 28.23
CA SER A 436 6.02 37.94 28.19
C SER A 436 6.46 39.11 27.32
N LYS A 437 7.77 39.33 27.18
CA LYS A 437 8.25 40.42 26.35
C LYS A 437 8.47 40.02 24.90
N ASP A 438 8.38 38.73 24.58
CA ASP A 438 8.59 38.30 23.21
C ASP A 438 7.38 38.61 22.33
N ARG A 439 7.63 38.76 21.03
CA ARG A 439 6.60 38.98 20.03
C ARG A 439 6.94 38.15 18.81
N PRO A 440 5.94 37.70 18.05
CA PRO A 440 6.26 36.96 16.83
C PRO A 440 6.91 37.89 15.81
N TRP A 441 7.86 37.35 15.04
CA TRP A 441 8.43 38.14 13.96
C TRP A 441 7.33 38.52 12.97
N ILE A 442 7.18 39.83 12.76
CA ILE A 442 6.23 40.38 11.80
C ILE A 442 7.05 41.24 10.84
N TRP A 443 7.01 40.91 9.55
CA TRP A 443 8.09 41.35 8.69
C TRP A 443 7.92 42.76 8.15
N ASN A 444 6.73 43.35 8.24
CA ASN A 444 6.49 44.65 7.62
C ASN A 444 6.14 45.74 8.64
N ILE A 445 6.74 45.65 9.82
CA ILE A 445 6.77 46.76 10.78
C ILE A 445 8.22 46.98 11.19
N PRO A 446 8.58 48.19 11.61
CA PRO A 446 9.98 48.44 11.96
C PRO A 446 10.35 47.95 13.35
N TYR A 447 11.64 47.64 13.51
CA TYR A 447 12.24 47.34 14.80
C TYR A 447 13.48 48.21 14.95
N VAL A 448 13.41 49.16 15.87
CA VAL A 448 14.47 50.17 15.98
C VAL A 448 14.90 50.34 17.44
N LYS A 449 14.53 49.39 18.31
CA LYS A 449 14.94 49.49 19.72
C LYS A 449 16.36 48.98 19.93
N ALA A 450 16.75 47.91 19.25
CA ALA A 450 18.03 47.27 19.47
C ALA A 450 18.56 46.74 18.14
N PRO A 451 19.85 46.91 17.89
CA PRO A 451 20.42 46.53 16.59
C PRO A 451 20.72 45.04 16.48
N ASP A 452 20.81 44.56 15.24
CA ASP A 452 21.01 43.14 15.00
C ASP A 452 22.50 42.81 15.01
N THR A 453 22.83 41.57 14.62
CA THR A 453 24.21 41.10 14.68
C THR A 453 25.13 41.81 13.68
N HIS A 454 24.59 42.57 12.74
CA HIS A 454 25.40 43.33 11.79
C HIS A 454 25.41 44.82 12.07
N GLY A 455 24.82 45.24 13.20
CA GLY A 455 24.78 46.64 13.58
C GLY A 455 23.59 47.43 13.08
N ASN A 456 22.60 46.77 12.50
CA ASN A 456 21.52 47.46 11.78
C ASN A 456 20.17 47.31 12.48
N MET A 457 19.28 48.25 12.17
CA MET A 457 17.88 48.19 12.51
C MET A 457 17.08 47.63 11.33
N TRP A 458 15.77 47.52 11.49
CA TRP A 458 14.87 46.99 10.45
C TRP A 458 13.83 48.06 10.15
N VAL A 459 13.87 48.62 8.95
CA VAL A 459 12.93 49.68 8.55
C VAL A 459 12.33 49.29 7.21
N PRO A 460 11.17 48.63 7.17
CA PRO A 460 10.53 48.15 5.94
C PRO A 460 10.18 49.27 4.96
N ASN B 15 7.55 -16.15 -16.52
CA ASN B 15 6.36 -15.92 -15.71
C ASN B 15 6.68 -15.25 -14.39
N PRO B 16 5.97 -14.17 -14.08
CA PRO B 16 6.04 -13.60 -12.73
C PRO B 16 4.99 -14.13 -11.78
N PHE B 17 4.04 -14.93 -12.29
CA PHE B 17 2.83 -15.17 -11.52
C PHE B 17 2.96 -16.29 -10.52
N GLN B 18 3.81 -17.30 -10.78
CA GLN B 18 4.02 -18.40 -9.85
C GLN B 18 2.70 -19.07 -9.48
N PHE B 19 1.85 -19.25 -10.49
CA PHE B 19 0.59 -19.95 -10.36
C PHE B 19 0.72 -21.30 -11.05
N TYR B 20 0.48 -22.37 -10.30
CA TYR B 20 0.72 -23.73 -10.74
C TYR B 20 -0.53 -24.57 -10.59
N LEU B 21 -0.62 -25.61 -11.41
CA LEU B 21 -1.59 -26.67 -11.18
C LEU B 21 -0.91 -27.88 -10.56
N THR B 22 -1.69 -28.69 -9.86
CA THR B 22 -1.16 -29.96 -9.36
C THR B 22 -1.01 -30.95 -10.50
N ARG B 23 -0.13 -31.93 -10.30
CA ARG B 23 0.04 -32.99 -11.29
C ARG B 23 -1.21 -33.87 -11.36
N VAL B 24 -1.51 -34.36 -12.56
CA VAL B 24 -2.68 -35.20 -12.78
C VAL B 24 -2.20 -36.54 -13.31
N SER B 25 -2.55 -37.62 -12.62
N SER B 25 -2.54 -37.63 -12.61
CA SER B 25 -2.19 -38.95 -13.06
CA SER B 25 -2.17 -38.95 -13.07
C SER B 25 -3.07 -39.38 -14.23
C SER B 25 -3.06 -39.37 -14.23
N GLY B 26 -2.45 -39.89 -15.29
CA GLY B 26 -3.19 -40.44 -16.40
C GLY B 26 -3.45 -39.49 -17.55
N VAL B 27 -2.82 -38.32 -17.57
CA VAL B 27 -2.77 -37.48 -18.75
C VAL B 27 -1.36 -37.55 -19.32
N LYS B 28 -1.22 -37.10 -20.56
CA LYS B 28 0.07 -37.13 -21.23
C LYS B 28 1.07 -36.28 -20.46
N PRO B 29 2.34 -36.70 -20.39
CA PRO B 29 3.35 -35.95 -19.62
C PRO B 29 3.43 -34.47 -19.94
N LYS B 30 3.19 -34.06 -21.20
CA LYS B 30 3.28 -32.65 -21.55
C LYS B 30 2.32 -31.80 -20.73
N TYR B 31 1.21 -32.37 -20.29
CA TYR B 31 0.26 -31.66 -19.43
C TYR B 31 0.67 -31.65 -17.96
N ASN B 32 1.80 -32.24 -17.60
CA ASN B 32 2.30 -32.13 -16.24
C ASN B 32 3.65 -31.42 -16.18
N SER B 33 4.19 -30.94 -17.31
CA SER B 33 5.55 -30.42 -17.30
C SER B 33 5.68 -29.23 -16.35
N GLY B 34 4.73 -28.30 -16.40
CA GLY B 34 4.78 -27.18 -15.48
C GLY B 34 4.04 -27.37 -14.18
N ALA B 35 3.62 -28.59 -13.83
CA ALA B 35 2.74 -28.82 -12.69
C ALA B 35 3.55 -29.29 -11.48
N LEU B 36 2.97 -29.16 -10.30
CA LEU B 36 3.65 -29.45 -9.04
C LEU B 36 2.89 -30.46 -8.21
N HIS B 37 3.60 -31.48 -7.73
CA HIS B 37 3.05 -32.38 -6.74
C HIS B 37 3.47 -31.91 -5.35
N ILE B 38 2.78 -32.39 -4.32
CA ILE B 38 3.14 -31.97 -2.95
C ILE B 38 4.59 -32.32 -2.65
N LYS B 39 5.07 -33.47 -3.16
CA LYS B 39 6.46 -33.82 -2.94
C LYS B 39 7.41 -32.81 -3.56
N ASP B 40 7.03 -32.18 -4.68
CA ASP B 40 7.88 -31.16 -5.27
C ASP B 40 7.96 -29.94 -4.37
N ILE B 41 6.82 -29.55 -3.78
CA ILE B 41 6.77 -28.35 -2.95
C ILE B 41 7.64 -28.51 -1.72
N LEU B 42 7.67 -29.72 -1.15
CA LEU B 42 8.39 -29.99 0.10
C LEU B 42 9.82 -30.45 -0.13
N SER B 43 10.26 -30.49 -1.38
CA SER B 43 11.57 -31.04 -1.72
C SER B 43 12.68 -30.18 -1.13
N PRO B 44 13.86 -30.76 -0.87
N PRO B 44 13.85 -30.77 -0.87
CA PRO B 44 14.99 -29.95 -0.39
CA PRO B 44 14.99 -29.96 -0.39
C PRO B 44 15.42 -28.90 -1.39
C PRO B 44 15.43 -28.91 -1.39
N LEU B 45 15.08 -29.07 -2.67
CA LEU B 45 15.38 -28.05 -3.68
C LEU B 45 14.66 -26.74 -3.40
N PHE B 46 13.54 -26.77 -2.69
CA PHE B 46 12.80 -25.55 -2.34
C PHE B 46 13.33 -24.87 -1.08
N GLY B 47 14.15 -25.55 -0.29
CA GLY B 47 14.69 -24.98 0.94
C GLY B 47 14.97 -26.06 1.96
N THR B 48 15.80 -25.72 2.94
CA THR B 48 16.18 -26.64 4.02
C THR B 48 15.21 -26.47 5.18
N LEU B 49 14.25 -27.37 5.29
CA LEU B 49 13.11 -27.17 6.18
C LEU B 49 13.51 -27.25 7.66
N VAL B 50 13.02 -26.29 8.44
CA VAL B 50 13.18 -26.27 9.88
C VAL B 50 11.86 -26.59 10.58
N SER B 51 10.75 -26.05 10.07
N SER B 51 10.75 -26.08 10.05
CA SER B 51 9.44 -26.36 10.61
CA SER B 51 9.43 -26.21 10.66
C SER B 51 8.41 -25.96 9.55
C SER B 51 8.39 -25.84 9.62
N SER B 52 7.17 -26.36 9.78
CA SER B 52 6.11 -26.04 8.84
C SER B 52 4.75 -26.01 9.54
N ALA B 53 3.83 -25.27 8.93
CA ALA B 53 2.45 -25.23 9.36
C ALA B 53 1.58 -25.62 8.17
N GLN B 54 0.62 -26.50 8.40
CA GLN B 54 -0.29 -26.96 7.34
C GLN B 54 -1.71 -26.57 7.74
N PHE B 55 -2.20 -25.50 7.13
CA PHE B 55 -3.60 -25.12 7.27
C PHE B 55 -4.43 -25.92 6.27
N ASN B 56 -5.50 -26.57 6.73
CA ASN B 56 -6.34 -27.28 5.78
C ASN B 56 -7.67 -27.65 6.43
N TYR B 57 -8.49 -28.34 5.66
CA TYR B 57 -9.78 -28.84 6.09
C TYR B 57 -9.69 -30.31 6.50
N CYS B 58 -9.22 -31.18 5.61
N CYS B 58 -9.19 -31.16 5.60
CA CYS B 58 -9.10 -32.58 5.98
CA CYS B 58 -9.11 -32.60 5.78
C CYS B 58 -7.70 -33.07 5.67
C CYS B 58 -7.65 -33.07 5.65
N PHE B 59 -7.24 -34.01 6.51
CA PHE B 59 -5.88 -34.47 6.56
C PHE B 59 -5.85 -36.00 6.59
N ASP B 60 -4.89 -36.59 5.89
CA ASP B 60 -4.46 -37.97 6.08
C ASP B 60 -3.01 -37.87 6.59
N VAL B 61 -2.84 -37.99 7.90
CA VAL B 61 -1.54 -37.65 8.49
C VAL B 61 -0.47 -38.65 8.07
N ASP B 62 -0.82 -39.94 8.01
N ASP B 62 -0.81 -39.93 7.99
CA ASP B 62 0.14 -40.93 7.51
CA ASP B 62 0.15 -40.92 7.52
C ASP B 62 0.61 -40.56 6.11
C ASP B 62 0.61 -40.60 6.10
N TRP B 63 -0.32 -40.23 5.22
CA TRP B 63 0.05 -39.84 3.87
C TRP B 63 0.87 -38.56 3.88
N LEU B 64 0.44 -37.57 4.68
CA LEU B 64 1.10 -36.27 4.70
C LEU B 64 2.57 -36.38 5.08
N VAL B 65 2.87 -37.07 6.18
CA VAL B 65 4.26 -37.20 6.61
C VAL B 65 5.11 -37.85 5.54
N LYS B 66 4.53 -38.79 4.78
CA LYS B 66 5.29 -39.44 3.72
C LYS B 66 5.58 -38.52 2.54
N GLN B 67 4.87 -37.39 2.43
CA GLN B 67 5.18 -36.44 1.37
C GLN B 67 6.37 -35.55 1.71
N TYR B 68 6.72 -35.42 3.00
CA TYR B 68 7.94 -34.72 3.35
C TYR B 68 9.15 -35.60 3.03
N PRO B 69 10.24 -35.01 2.56
CA PRO B 69 11.47 -35.80 2.38
C PRO B 69 11.87 -36.44 3.69
N PRO B 70 12.47 -37.63 3.64
CA PRO B 70 12.77 -38.33 4.90
C PRO B 70 13.62 -37.50 5.86
N GLU B 71 14.55 -36.71 5.32
CA GLU B 71 15.42 -35.90 6.17
C GLU B 71 14.69 -34.75 6.86
N PHE B 72 13.51 -34.36 6.37
CA PHE B 72 12.70 -33.34 7.04
C PHE B 72 11.53 -33.93 7.80
N ARG B 73 11.41 -35.26 7.82
CA ARG B 73 10.18 -35.87 8.30
C ARG B 73 9.97 -35.74 9.79
N LYS B 74 11.00 -35.40 10.56
CA LYS B 74 10.85 -35.24 12.00
C LYS B 74 10.81 -33.79 12.45
N LYS B 75 10.98 -32.83 11.52
CA LYS B 75 10.84 -31.42 11.88
C LYS B 75 9.43 -31.14 12.36
N PRO B 76 9.24 -30.12 13.21
CA PRO B 76 7.89 -29.85 13.74
C PRO B 76 6.93 -29.51 12.63
N ILE B 77 5.69 -30.02 12.77
CA ILE B 77 4.58 -29.70 11.88
C ILE B 77 3.40 -29.27 12.73
N LEU B 78 2.77 -28.16 12.36
CA LEU B 78 1.54 -27.69 12.99
C LEU B 78 0.38 -27.90 12.03
N LEU B 79 -0.61 -28.69 12.45
CA LEU B 79 -1.85 -28.86 11.71
C LEU B 79 -2.88 -27.86 12.23
N VAL B 80 -3.30 -26.95 11.36
CA VAL B 80 -4.35 -25.99 11.70
C VAL B 80 -5.64 -26.47 11.05
N HIS B 81 -6.66 -26.74 11.87
CA HIS B 81 -7.88 -27.41 11.43
C HIS B 81 -9.08 -26.79 12.15
N GLY B 82 -10.29 -27.24 11.79
CA GLY B 82 -11.49 -26.74 12.41
C GLY B 82 -12.35 -27.80 13.08
N ASP B 83 -11.79 -29.01 13.21
CA ASP B 83 -12.57 -30.16 13.66
C ASP B 83 -12.96 -30.03 15.13
N LYS B 84 -14.14 -30.55 15.46
CA LYS B 84 -14.67 -30.55 16.81
C LYS B 84 -15.07 -31.98 17.20
N ARG B 85 -15.33 -32.16 18.50
CA ARG B 85 -16.00 -33.35 19.07
C ARG B 85 -15.31 -34.62 18.55
N GLU B 86 -16.05 -35.58 17.97
CA GLU B 86 -15.45 -36.85 17.56
C GLU B 86 -14.49 -36.66 16.39
N ALA B 87 -14.82 -35.76 15.45
CA ALA B 87 -13.90 -35.48 14.35
C ALA B 87 -12.55 -35.01 14.87
N LYS B 88 -12.55 -34.17 15.90
CA LYS B 88 -11.30 -33.66 16.45
C LYS B 88 -10.50 -34.79 17.11
N ALA B 89 -11.18 -35.69 17.83
CA ALA B 89 -10.48 -36.80 18.45
C ALA B 89 -9.84 -37.70 17.41
N HIS B 90 -10.52 -37.90 16.27
CA HIS B 90 -9.97 -38.75 15.22
C HIS B 90 -8.68 -38.14 14.65
N LEU B 91 -8.66 -36.82 14.42
CA LEU B 91 -7.45 -36.20 13.90
C LEU B 91 -6.31 -36.31 14.90
N HIS B 92 -6.59 -36.07 16.19
CA HIS B 92 -5.56 -36.24 17.21
C HIS B 92 -5.03 -37.67 17.22
N ALA B 93 -5.92 -38.65 17.08
CA ALA B 93 -5.49 -40.04 17.01
C ALA B 93 -4.61 -40.30 15.79
N GLN B 94 -4.94 -39.68 14.65
CA GLN B 94 -4.08 -39.77 13.47
C GLN B 94 -2.68 -39.27 13.79
N ALA B 95 -2.59 -38.16 14.50
CA ALA B 95 -1.31 -37.48 14.71
C ALA B 95 -0.50 -38.09 15.85
N LYS B 96 -1.15 -38.79 16.77
CA LYS B 96 -0.46 -39.31 17.96
C LYS B 96 0.85 -40.05 17.66
N PRO B 97 0.96 -40.91 16.65
CA PRO B 97 2.23 -41.62 16.43
C PRO B 97 3.41 -40.73 16.09
N TYR B 98 3.18 -39.46 15.69
CA TYR B 98 4.25 -38.57 15.25
C TYR B 98 4.45 -37.51 16.31
N GLU B 99 5.54 -37.63 17.08
CA GLU B 99 5.76 -36.76 18.23
C GLU B 99 6.01 -35.31 17.84
N ASN B 100 6.39 -35.06 16.59
CA ASN B 100 6.69 -33.72 16.10
C ASN B 100 5.47 -32.97 15.61
N ILE B 101 4.29 -33.57 15.65
CA ILE B 101 3.10 -32.95 15.07
C ILE B 101 2.28 -32.33 16.19
N SER B 102 2.06 -31.02 16.11
CA SER B 102 1.16 -30.30 16.98
C SER B 102 -0.10 -29.91 16.20
N LEU B 103 -1.15 -29.60 16.93
CA LEU B 103 -2.45 -29.27 16.33
C LEU B 103 -2.98 -27.95 16.88
N CYS B 104 -3.67 -27.21 16.02
CA CYS B 104 -4.32 -25.96 16.37
C CYS B 104 -5.76 -26.00 15.87
N GLN B 105 -6.71 -25.98 16.81
CA GLN B 105 -8.13 -26.00 16.45
C GLN B 105 -8.62 -24.57 16.29
N ALA B 106 -8.82 -24.14 15.04
CA ALA B 106 -9.37 -22.82 14.77
C ALA B 106 -10.78 -22.72 15.32
N LYS B 107 -11.07 -21.63 16.03
CA LYS B 107 -12.39 -21.48 16.62
C LYS B 107 -13.41 -21.21 15.53
N LEU B 108 -14.57 -21.86 15.65
CA LEU B 108 -15.68 -21.69 14.73
C LEU B 108 -16.93 -21.39 15.57
N ASP B 109 -16.96 -20.17 16.11
CA ASP B 109 -18.02 -19.79 17.05
C ASP B 109 -19.32 -19.42 16.36
N ILE B 110 -19.34 -19.36 15.03
CA ILE B 110 -20.58 -19.17 14.28
C ILE B 110 -20.99 -20.52 13.72
N ALA B 111 -22.28 -20.83 13.80
CA ALA B 111 -22.77 -22.14 13.41
C ALA B 111 -22.55 -22.37 11.91
N PHE B 112 -22.32 -23.64 11.57
CA PHE B 112 -22.19 -24.09 10.17
C PHE B 112 -20.99 -23.46 9.48
N GLY B 113 -19.94 -23.16 10.24
CA GLY B 113 -18.70 -22.66 9.68
C GLY B 113 -17.68 -23.77 9.48
N THR B 114 -16.72 -23.50 8.60
CA THR B 114 -15.71 -24.48 8.24
C THR B 114 -14.34 -23.81 8.19
N HIS B 115 -13.30 -24.55 8.55
CA HIS B 115 -11.95 -24.07 8.30
C HIS B 115 -11.51 -24.59 6.95
N HIS B 116 -11.73 -23.78 5.91
CA HIS B 116 -11.46 -24.20 4.53
C HIS B 116 -10.06 -23.86 4.05
N THR B 117 -9.46 -22.82 4.61
CA THR B 117 -8.17 -22.30 4.18
C THR B 117 -7.15 -23.40 3.96
N LYS B 118 -6.51 -23.39 2.79
CA LYS B 118 -5.41 -24.29 2.48
C LYS B 118 -4.14 -23.48 2.27
N MET B 119 -3.21 -23.61 3.22
CA MET B 119 -1.98 -22.83 3.19
C MET B 119 -0.87 -23.63 3.84
N MET B 120 0.34 -23.50 3.29
CA MET B 120 1.55 -24.00 3.92
C MET B 120 2.42 -22.82 4.32
N LEU B 121 2.91 -22.84 5.55
CA LEU B 121 3.99 -21.96 5.96
C LEU B 121 5.24 -22.82 6.11
N LEU B 122 6.28 -22.49 5.38
CA LEU B 122 7.49 -23.31 5.29
C LEU B 122 8.68 -22.49 5.75
N LEU B 123 9.20 -22.80 6.93
CA LEU B 123 10.36 -22.10 7.46
C LEU B 123 11.63 -22.89 7.12
N TYR B 124 12.58 -22.24 6.46
CA TYR B 124 13.85 -22.84 6.07
C TYR B 124 15.01 -22.21 6.81
N GLU B 125 16.18 -22.85 6.68
CA GLU B 125 17.43 -22.21 7.07
C GLU B 125 17.71 -20.99 6.20
N GLU B 126 17.25 -21.00 4.96
CA GLU B 126 17.50 -19.95 4.00
C GLU B 126 16.46 -18.85 4.01
N GLY B 127 15.35 -19.03 4.72
CA GLY B 127 14.29 -18.04 4.64
C GLY B 127 12.92 -18.67 4.91
N LEU B 128 11.89 -18.08 4.30
CA LEU B 128 10.51 -18.44 4.58
C LEU B 128 9.73 -18.49 3.27
N ARG B 129 8.84 -19.47 3.13
CA ARG B 129 7.96 -19.54 1.97
C ARG B 129 6.50 -19.72 2.41
N VAL B 130 5.60 -19.11 1.66
CA VAL B 130 4.16 -19.21 1.88
C VAL B 130 3.58 -19.86 0.64
N VAL B 131 2.74 -20.89 0.82
CA VAL B 131 2.04 -21.56 -0.27
C VAL B 131 0.55 -21.45 0.01
N ILE B 132 -0.21 -20.87 -0.93
CA ILE B 132 -1.66 -20.78 -0.79
C ILE B 132 -2.24 -21.57 -1.96
N HIS B 133 -3.06 -22.57 -1.64
CA HIS B 133 -3.42 -23.58 -2.62
C HIS B 133 -4.85 -24.05 -2.34
N THR B 134 -5.29 -25.08 -3.08
CA THR B 134 -6.69 -25.48 -3.02
C THR B 134 -6.90 -26.94 -2.63
N SER B 135 -5.84 -27.71 -2.35
CA SER B 135 -5.96 -29.14 -2.14
C SER B 135 -6.01 -29.54 -0.67
N ASN B 136 -6.88 -30.48 -0.34
CA ASN B 136 -6.81 -31.12 0.97
C ASN B 136 -5.57 -32.00 1.04
N LEU B 137 -5.16 -32.34 2.27
CA LEU B 137 -3.93 -33.10 2.46
C LEU B 137 -4.26 -34.59 2.52
N ILE B 138 -4.81 -35.08 1.41
CA ILE B 138 -5.16 -36.49 1.23
C ILE B 138 -4.76 -36.89 -0.19
N HIS B 139 -4.48 -38.18 -0.38
CA HIS B 139 -3.98 -38.64 -1.67
C HIS B 139 -4.90 -38.23 -2.83
N ALA B 140 -6.22 -38.33 -2.62
CA ALA B 140 -7.17 -38.15 -3.72
C ALA B 140 -7.17 -36.72 -4.26
N ASP B 141 -6.91 -35.75 -3.39
CA ASP B 141 -6.95 -34.37 -3.86
C ASP B 141 -5.77 -34.00 -4.75
N TRP B 142 -4.69 -34.78 -4.75
CA TRP B 142 -3.53 -34.48 -5.58
C TRP B 142 -3.35 -35.47 -6.71
N HIS B 143 -4.33 -36.34 -6.94
CA HIS B 143 -4.19 -37.46 -7.87
C HIS B 143 -4.72 -37.13 -9.26
N GLN B 144 -6.03 -36.95 -9.40
CA GLN B 144 -6.63 -36.72 -10.71
C GLN B 144 -7.57 -35.52 -10.71
N LYS B 145 -7.28 -34.51 -9.88
CA LYS B 145 -8.11 -33.31 -9.85
C LYS B 145 -7.34 -32.13 -10.42
N THR B 146 -8.09 -31.12 -10.86
CA THR B 146 -7.53 -29.81 -11.18
C THR B 146 -7.53 -28.98 -9.90
N GLN B 147 -6.34 -28.66 -9.41
CA GLN B 147 -6.13 -27.87 -8.22
C GLN B 147 -5.11 -26.78 -8.53
N GLY B 148 -5.16 -25.70 -7.76
CA GLY B 148 -4.31 -24.54 -8.00
C GLY B 148 -3.39 -24.27 -6.82
N ILE B 149 -2.21 -23.72 -7.14
CA ILE B 149 -1.14 -23.43 -6.18
C ILE B 149 -0.54 -22.06 -6.51
N TRP B 150 -0.41 -21.21 -5.49
CA TRP B 150 0.45 -20.03 -5.58
C TRP B 150 1.67 -20.24 -4.70
N LEU B 151 2.85 -20.06 -5.27
CA LEU B 151 4.12 -20.16 -4.55
C LEU B 151 4.70 -18.76 -4.33
N SER B 152 4.89 -18.39 -3.07
CA SER B 152 5.60 -17.16 -2.75
C SER B 152 7.07 -17.26 -3.16
N PRO B 153 7.73 -16.12 -3.31
CA PRO B 153 9.20 -16.15 -3.40
C PRO B 153 9.79 -16.69 -2.11
N LEU B 154 11.07 -17.04 -2.17
CA LEU B 154 11.82 -17.29 -0.96
C LEU B 154 12.06 -15.97 -0.25
N TYR B 155 11.46 -15.80 0.92
CA TYR B 155 11.59 -14.57 1.68
C TYR B 155 12.82 -14.65 2.56
N PRO B 156 13.79 -13.74 2.43
CA PRO B 156 14.96 -13.77 3.32
C PRO B 156 14.62 -13.22 4.70
N ARG B 157 15.40 -13.66 5.71
CA ARG B 157 15.20 -13.14 7.06
C ARG B 157 15.82 -11.74 7.13
N ILE B 158 15.17 -10.86 7.88
CA ILE B 158 15.73 -9.54 8.13
C ILE B 158 16.83 -9.66 9.19
N ALA B 159 17.95 -9.01 8.93
CA ALA B 159 19.16 -9.15 9.74
C ALA B 159 18.97 -8.86 11.23
N ASP B 160 19.91 -9.34 12.04
CA ASP B 160 20.06 -8.94 13.43
C ASP B 160 20.01 -7.43 13.55
N GLY B 161 19.16 -6.91 14.43
CA GLY B 161 19.14 -5.49 14.75
C GLY B 161 18.93 -4.55 13.58
N THR B 162 18.46 -5.05 12.44
CA THR B 162 18.06 -4.20 11.33
C THR B 162 16.57 -3.90 11.47
N HIS B 163 16.21 -2.64 11.25
CA HIS B 163 14.83 -2.20 11.36
C HIS B 163 14.32 -1.82 9.97
N LYS B 164 13.59 -2.75 9.35
CA LYS B 164 12.88 -2.48 8.10
C LYS B 164 11.51 -3.14 8.17
N SER B 165 10.60 -2.67 7.31
CA SER B 165 9.23 -3.21 7.40
C SER B 165 9.16 -4.61 6.80
N GLY B 166 9.98 -4.88 5.79
CA GLY B 166 9.79 -6.08 5.00
C GLY B 166 8.46 -6.14 4.28
N GLU B 167 7.81 -4.99 4.06
CA GLU B 167 6.46 -4.96 3.50
C GLU B 167 6.50 -4.81 1.97
N SER B 168 5.49 -5.40 1.32
N SER B 168 5.49 -5.38 1.32
CA SER B 168 5.36 -5.32 -0.13
CA SER B 168 5.36 -5.32 -0.13
C SER B 168 4.41 -4.18 -0.51
C SER B 168 4.38 -4.21 -0.53
N PRO B 169 4.45 -3.73 -1.77
CA PRO B 169 3.44 -2.75 -2.22
C PRO B 169 2.01 -3.26 -2.12
N THR B 170 1.78 -4.58 -2.04
CA THR B 170 0.44 -5.11 -1.87
C THR B 170 0.03 -5.28 -0.41
N HIS B 171 0.86 -4.87 0.54
CA HIS B 171 0.58 -4.98 1.98
C HIS B 171 0.44 -6.43 2.43
N PHE B 172 1.01 -7.38 1.68
CA PHE B 172 0.83 -8.80 1.95
C PHE B 172 1.33 -9.20 3.35
N LYS B 173 2.46 -8.63 3.81
CA LYS B 173 3.00 -9.04 5.11
C LYS B 173 2.03 -8.69 6.24
N ALA B 174 1.64 -7.42 6.34
CA ALA B 174 0.66 -7.04 7.35
C ALA B 174 -0.65 -7.80 7.19
N ASP B 175 -1.08 -8.03 5.95
CA ASP B 175 -2.37 -8.68 5.74
C ASP B 175 -2.34 -10.15 6.17
N LEU B 176 -1.23 -10.83 5.92
CA LEU B 176 -1.10 -12.22 6.36
C LEU B 176 -1.09 -12.30 7.89
N ILE B 177 -0.33 -11.39 8.52
CA ILE B 177 -0.32 -11.35 9.99
C ILE B 177 -1.71 -11.07 10.52
N SER B 178 -2.43 -10.11 9.92
N SER B 178 -2.43 -10.12 9.91
CA SER B 178 -3.80 -9.85 10.32
CA SER B 178 -3.81 -9.84 10.32
C SER B 178 -4.66 -11.10 10.22
C SER B 178 -4.70 -11.07 10.19
N TYR B 179 -4.52 -11.84 9.11
CA TYR B 179 -5.30 -13.06 8.94
C TYR B 179 -4.99 -14.04 10.07
N LEU B 180 -3.72 -14.21 10.38
CA LEU B 180 -3.34 -15.15 11.43
C LEU B 180 -3.76 -14.64 12.81
N MET B 181 -3.79 -13.31 13.00
N MET B 181 -3.80 -13.31 13.00
CA MET B 181 -4.17 -12.76 14.30
CA MET B 181 -4.17 -12.77 14.31
C MET B 181 -5.62 -13.09 14.65
C MET B 181 -5.62 -13.07 14.65
N ALA B 182 -6.48 -13.20 13.64
CA ALA B 182 -7.89 -13.48 13.87
C ALA B 182 -8.12 -14.83 14.54
N TYR B 183 -7.17 -15.77 14.41
CA TYR B 183 -7.30 -17.07 15.07
C TYR B 183 -7.19 -16.95 16.58
N ASN B 184 -6.43 -15.96 17.06
CA ASN B 184 -6.19 -15.77 18.49
C ASN B 184 -5.64 -17.05 19.11
N ALA B 185 -4.61 -17.61 18.49
CA ALA B 185 -4.09 -18.92 18.84
C ALA B 185 -2.62 -18.82 19.20
N PRO B 186 -2.19 -19.40 20.33
CA PRO B 186 -0.77 -19.29 20.68
C PRO B 186 0.17 -19.90 19.66
N SER B 187 -0.19 -21.04 19.05
CA SER B 187 0.73 -21.63 18.07
C SER B 187 0.87 -20.76 16.84
N LEU B 188 -0.14 -19.95 16.53
CA LEU B 188 -0.06 -19.08 15.37
C LEU B 188 0.60 -17.74 15.70
N LYS B 189 0.53 -17.29 16.95
CA LYS B 189 1.35 -16.13 17.32
C LYS B 189 2.82 -16.43 17.11
N GLU B 190 3.23 -17.70 17.31
CA GLU B 190 4.61 -18.10 17.00
C GLU B 190 4.94 -17.90 15.52
N TRP B 191 4.01 -18.24 14.63
CA TRP B 191 4.28 -18.07 13.20
C TRP B 191 4.22 -16.61 12.80
N ILE B 192 3.34 -15.82 13.43
CA ILE B 192 3.35 -14.37 13.24
C ILE B 192 4.73 -13.79 13.54
N ASP B 193 5.34 -14.22 14.64
CA ASP B 193 6.66 -13.73 14.98
C ASP B 193 7.71 -14.13 13.93
N VAL B 194 7.57 -15.32 13.36
CA VAL B 194 8.46 -15.73 12.29
C VAL B 194 8.27 -14.81 11.08
N ILE B 195 7.02 -14.57 10.70
CA ILE B 195 6.75 -13.70 9.56
C ILE B 195 7.33 -12.30 9.80
N HIS B 196 7.15 -11.77 11.02
CA HIS B 196 7.72 -10.47 11.36
C HIS B 196 9.20 -10.39 11.02
N LYS B 197 9.94 -11.48 11.24
CA LYS B 197 11.39 -11.45 11.05
C LYS B 197 11.83 -11.61 9.60
N HIS B 198 10.90 -11.74 8.65
CA HIS B 198 11.26 -11.97 7.26
C HIS B 198 10.81 -10.82 6.36
N ASP B 199 11.50 -10.73 5.23
CA ASP B 199 11.31 -9.66 4.23
C ASP B 199 10.40 -10.21 3.14
N LEU B 200 9.14 -9.77 3.15
CA LEU B 200 8.14 -10.22 2.17
C LEU B 200 7.93 -9.18 1.07
N SER B 201 8.85 -8.24 0.91
CA SER B 201 8.64 -7.09 0.04
C SER B 201 8.46 -7.46 -1.43
N GLU B 202 8.97 -8.62 -1.87
CA GLU B 202 8.84 -9.00 -3.27
C GLU B 202 7.45 -9.50 -3.65
N THR B 203 6.54 -9.63 -2.69
CA THR B 203 5.23 -10.22 -2.97
C THR B 203 4.40 -9.31 -3.86
N ASN B 204 3.91 -9.86 -4.98
N ASN B 204 3.89 -9.85 -4.96
CA ASN B 204 3.14 -9.09 -5.94
CA ASN B 204 3.10 -9.02 -5.88
C ASN B 204 1.65 -9.46 -5.99
C ASN B 204 1.65 -9.50 -6.01
N VAL B 205 1.16 -10.27 -5.04
CA VAL B 205 -0.27 -10.59 -4.97
C VAL B 205 -0.87 -9.96 -3.72
N TYR B 206 -2.17 -9.74 -3.76
CA TYR B 206 -2.96 -9.27 -2.63
C TYR B 206 -3.61 -10.45 -1.92
N LEU B 207 -3.58 -10.43 -0.59
CA LEU B 207 -4.23 -11.48 0.18
C LEU B 207 -5.74 -11.20 0.29
N ILE B 208 -6.57 -12.22 0.07
CA ILE B 208 -8.00 -12.07 0.31
C ILE B 208 -8.43 -13.19 1.23
N GLY B 209 -8.69 -12.86 2.50
CA GLY B 209 -9.09 -13.89 3.43
C GLY B 209 -10.49 -13.71 3.94
N SER B 210 -11.07 -14.78 4.47
CA SER B 210 -12.30 -14.74 5.23
C SER B 210 -12.01 -15.31 6.61
N THR B 211 -12.66 -14.76 7.62
N THR B 211 -12.62 -14.73 7.63
CA THR B 211 -12.56 -15.26 8.98
CA THR B 211 -12.55 -15.25 8.99
C THR B 211 -13.93 -15.12 9.63
C THR B 211 -13.94 -15.14 9.61
N PRO B 212 -14.28 -16.02 10.56
CA PRO B 212 -15.64 -15.98 11.14
C PRO B 212 -15.87 -14.72 11.96
N GLY B 213 -17.02 -14.11 11.78
CA GLY B 213 -17.39 -13.00 12.63
C GLY B 213 -18.49 -12.15 12.04
N ARG B 214 -18.77 -11.05 12.73
N ARG B 214 -18.77 -11.06 12.74
CA ARG B 214 -19.75 -10.07 12.32
CA ARG B 214 -19.75 -10.07 12.31
C ARG B 214 -19.04 -8.72 12.32
C ARG B 214 -19.03 -8.72 12.32
N PHE B 215 -18.78 -8.19 11.12
CA PHE B 215 -17.91 -7.04 10.95
C PHE B 215 -18.71 -5.82 10.55
N GLN B 216 -18.38 -4.68 11.15
CA GLN B 216 -19.07 -3.43 10.87
C GLN B 216 -18.05 -2.32 10.77
N GLY B 217 -18.46 -1.22 10.14
CA GLY B 217 -17.63 -0.02 10.11
C GLY B 217 -16.31 -0.26 9.41
N SER B 218 -15.24 0.23 10.03
CA SER B 218 -13.89 0.13 9.48
C SER B 218 -13.34 -1.29 9.61
N GLN B 219 -14.21 -2.29 9.43
CA GLN B 219 -13.80 -3.68 9.48
C GLN B 219 -14.49 -4.56 8.45
N LYS B 220 -15.61 -4.13 7.87
CA LYS B 220 -16.22 -4.89 6.79
C LYS B 220 -15.26 -5.07 5.62
N ASP B 221 -14.39 -4.09 5.38
CA ASP B 221 -13.49 -4.16 4.23
C ASP B 221 -12.34 -5.14 4.43
N ASN B 222 -12.24 -5.79 5.59
CA ASN B 222 -11.09 -6.63 5.87
C ASN B 222 -11.20 -8.02 5.25
N TRP B 223 -12.42 -8.49 4.96
CA TRP B 223 -12.66 -9.90 4.71
C TRP B 223 -13.69 -10.12 3.61
N GLY B 224 -13.65 -11.31 3.03
CA GLY B 224 -14.70 -11.75 2.11
C GLY B 224 -14.87 -10.84 0.91
N HIS B 225 -16.11 -10.73 0.45
CA HIS B 225 -16.34 -10.06 -0.82
C HIS B 225 -16.21 -8.55 -0.68
N PHE B 226 -16.35 -8.01 0.53
CA PHE B 226 -16.04 -6.58 0.73
C PHE B 226 -14.54 -6.31 0.62
N ARG B 227 -13.71 -7.27 1.04
CA ARG B 227 -12.27 -7.15 0.87
C ARG B 227 -11.91 -7.10 -0.61
N LEU B 228 -12.53 -7.98 -1.40
CA LEU B 228 -12.30 -7.95 -2.85
C LEU B 228 -12.76 -6.62 -3.43
N LYS B 229 -13.96 -6.18 -3.04
CA LYS B 229 -14.46 -4.89 -3.54
C LYS B 229 -13.50 -3.75 -3.21
N LYS B 230 -12.97 -3.72 -1.98
CA LYS B 230 -12.07 -2.65 -1.60
C LYS B 230 -10.79 -2.68 -2.44
N LEU B 231 -10.25 -3.87 -2.69
CA LEU B 231 -9.04 -3.97 -3.50
C LEU B 231 -9.29 -3.52 -4.93
N LEU B 232 -10.44 -3.90 -5.50
CA LEU B 232 -10.76 -3.52 -6.87
C LEU B 232 -10.98 -2.02 -6.99
N LYS B 233 -11.64 -1.41 -6.00
CA LYS B 233 -11.78 0.04 -5.98
C LYS B 233 -10.44 0.75 -5.97
N ASP B 234 -9.52 0.29 -5.11
CA ASP B 234 -8.29 1.03 -4.84
C ASP B 234 -7.18 0.71 -5.82
N HIS B 235 -7.20 -0.45 -6.48
CA HIS B 235 -6.05 -0.90 -7.25
C HIS B 235 -6.37 -1.40 -8.65
N ALA B 236 -7.62 -1.26 -9.09
CA ALA B 236 -7.98 -1.50 -10.48
C ALA B 236 -8.60 -0.24 -11.04
N SER B 237 -8.58 -0.12 -12.37
CA SER B 237 -9.18 1.02 -13.05
C SER B 237 -10.33 0.54 -13.92
N SER B 238 -11.36 1.39 -14.03
CA SER B 238 -12.48 1.06 -14.91
C SER B 238 -12.16 1.49 -16.33
N MET B 239 -12.46 0.62 -17.28
CA MET B 239 -12.23 0.86 -18.69
C MET B 239 -13.53 1.25 -19.39
N PRO B 240 -13.45 1.77 -20.61
CA PRO B 240 -14.69 2.00 -21.38
C PRO B 240 -15.41 0.70 -21.63
N ASN B 241 -16.74 0.75 -21.59
CA ASN B 241 -17.57 -0.42 -21.84
C ASN B 241 -17.33 -1.52 -20.79
N ALA B 242 -17.11 -1.09 -19.54
CA ALA B 242 -16.88 -2.04 -18.46
C ALA B 242 -18.06 -2.98 -18.28
N GLU B 243 -19.28 -2.52 -18.55
CA GLU B 243 -20.47 -3.36 -18.41
C GLU B 243 -20.44 -4.58 -19.31
N SER B 244 -19.56 -4.60 -20.31
N SER B 244 -19.58 -4.58 -20.33
CA SER B 244 -19.44 -5.70 -21.26
CA SER B 244 -19.48 -5.73 -21.22
C SER B 244 -18.33 -6.66 -20.90
C SER B 244 -18.49 -6.76 -20.74
N TRP B 245 -17.58 -6.39 -19.83
CA TRP B 245 -16.58 -7.33 -19.33
C TRP B 245 -17.27 -8.29 -18.37
N PRO B 246 -17.37 -9.58 -18.69
CA PRO B 246 -18.07 -10.52 -17.81
C PRO B 246 -17.33 -10.74 -16.50
N VAL B 247 -18.04 -11.35 -15.56
CA VAL B 247 -17.46 -11.93 -14.36
C VAL B 247 -17.58 -13.44 -14.49
N VAL B 248 -16.51 -14.17 -14.15
CA VAL B 248 -16.50 -15.63 -14.18
C VAL B 248 -16.19 -16.12 -12.78
N GLY B 249 -17.01 -17.02 -12.27
CA GLY B 249 -16.75 -17.70 -11.01
C GLY B 249 -16.75 -19.20 -11.27
N GLN B 250 -15.84 -19.90 -10.59
CA GLN B 250 -15.59 -21.31 -10.86
C GLN B 250 -15.27 -21.99 -9.53
N PHE B 251 -15.98 -23.07 -9.18
CA PHE B 251 -15.98 -23.53 -7.79
C PHE B 251 -16.33 -25.01 -7.74
N SER B 252 -16.15 -25.61 -6.56
CA SER B 252 -16.47 -27.02 -6.39
C SER B 252 -17.65 -27.29 -5.49
N SER B 253 -18.31 -26.26 -4.98
CA SER B 253 -19.47 -26.46 -4.13
C SER B 253 -20.30 -25.19 -4.13
N VAL B 254 -21.58 -25.34 -3.78
CA VAL B 254 -22.55 -24.26 -3.82
C VAL B 254 -23.36 -24.27 -2.54
N GLY B 255 -23.51 -23.11 -1.91
CA GLY B 255 -24.34 -22.98 -0.73
C GLY B 255 -25.74 -22.51 -1.08
N SER B 256 -26.54 -22.28 -0.02
N SER B 256 -26.53 -22.28 -0.04
CA SER B 256 -27.89 -21.77 -0.18
CA SER B 256 -27.89 -21.76 -0.19
C SER B 256 -27.83 -20.26 -0.42
C SER B 256 -27.81 -20.26 -0.44
N LEU B 257 -28.21 -19.83 -1.63
CA LEU B 257 -28.05 -18.45 -2.05
C LEU B 257 -29.32 -17.63 -1.92
N GLY B 258 -30.48 -18.25 -1.74
CA GLY B 258 -31.74 -17.56 -1.58
C GLY B 258 -32.74 -17.93 -2.65
N ALA B 259 -33.94 -17.35 -2.52
CA ALA B 259 -35.06 -17.72 -3.38
C ALA B 259 -34.94 -17.17 -4.79
N ASP B 260 -34.13 -16.13 -5.02
CA ASP B 260 -33.86 -15.64 -6.36
C ASP B 260 -32.52 -14.92 -6.35
N GLU B 261 -32.09 -14.51 -7.54
CA GLU B 261 -30.75 -13.92 -7.69
C GLU B 261 -30.59 -12.60 -6.95
N SER B 262 -31.70 -11.89 -6.67
CA SER B 262 -31.63 -10.61 -6.00
C SER B 262 -31.35 -10.71 -4.51
N LYS B 263 -31.44 -11.91 -3.93
CA LYS B 263 -31.26 -12.02 -2.48
C LYS B 263 -29.80 -11.89 -2.08
N TRP B 264 -28.87 -12.31 -2.95
CA TRP B 264 -27.45 -12.25 -2.61
C TRP B 264 -26.55 -12.32 -3.83
N LEU B 265 -26.83 -13.24 -4.75
CA LEU B 265 -25.90 -13.50 -5.85
C LEU B 265 -25.66 -12.25 -6.69
N CYS B 266 -26.73 -11.63 -7.17
CA CYS B 266 -26.57 -10.48 -8.04
C CYS B 266 -26.62 -9.16 -7.30
N SER B 267 -27.11 -9.15 -6.06
CA SER B 267 -27.27 -7.89 -5.34
C SER B 267 -25.99 -7.49 -4.62
N GLU B 268 -25.31 -8.42 -3.96
CA GLU B 268 -24.07 -8.02 -3.30
C GLU B 268 -22.84 -8.81 -3.75
N PHE B 269 -22.97 -10.10 -4.06
CA PHE B 269 -21.81 -10.85 -4.53
C PHE B 269 -21.32 -10.32 -5.87
N LYS B 270 -22.20 -10.31 -6.88
CA LYS B 270 -21.82 -9.81 -8.20
C LYS B 270 -21.44 -8.34 -8.12
N GLU B 271 -22.15 -7.56 -7.31
CA GLU B 271 -21.84 -6.13 -7.17
C GLU B 271 -20.39 -5.92 -6.74
N SER B 272 -19.93 -6.69 -5.75
CA SER B 272 -18.53 -6.59 -5.36
C SER B 272 -17.62 -7.02 -6.50
N MET B 273 -17.99 -8.07 -7.22
CA MET B 273 -17.07 -8.60 -8.24
C MET B 273 -16.99 -7.71 -9.47
N LEU B 274 -18.02 -6.89 -9.74
N LEU B 274 -18.00 -6.89 -9.73
CA LEU B 274 -17.99 -5.97 -10.87
CA LEU B 274 -17.94 -6.02 -10.90
C LEU B 274 -17.13 -4.76 -10.62
C LEU B 274 -17.28 -4.67 -10.59
N THR B 275 -16.84 -4.46 -9.37
CA THR B 275 -16.19 -3.21 -9.00
C THR B 275 -14.88 -3.02 -9.76
N LEU B 276 -14.67 -1.80 -10.24
CA LEU B 276 -13.39 -1.38 -10.81
C LEU B 276 -13.22 0.10 -10.54
N GLY B 277 -12.16 0.48 -9.82
CA GLY B 277 -11.86 1.88 -9.63
C GLY B 277 -12.73 2.55 -8.58
N LYS B 278 -12.49 3.86 -8.42
CA LYS B 278 -13.04 4.64 -7.30
C LYS B 278 -14.29 5.43 -7.66
N GLU B 279 -14.76 5.37 -8.91
CA GLU B 279 -15.92 6.15 -9.31
C GLU B 279 -17.21 5.46 -8.85
N SER B 280 -18.34 6.09 -9.16
CA SER B 280 -19.63 5.57 -8.73
C SER B 280 -20.38 4.93 -9.89
N SER B 286 -27.50 -4.20 -12.85
CA SER B 286 -26.34 -4.27 -13.74
C SER B 286 -26.52 -5.34 -14.82
N SER B 287 -26.03 -5.04 -16.02
CA SER B 287 -26.12 -5.95 -17.16
C SER B 287 -24.80 -6.68 -17.41
N VAL B 288 -23.88 -6.66 -16.46
CA VAL B 288 -22.64 -7.43 -16.64
C VAL B 288 -22.99 -8.91 -16.66
N PRO B 289 -22.53 -9.66 -17.66
CA PRO B 289 -22.84 -11.10 -17.68
C PRO B 289 -22.05 -11.83 -16.61
N LEU B 290 -22.71 -12.80 -15.97
CA LEU B 290 -22.11 -13.60 -14.91
C LEU B 290 -22.11 -15.06 -15.37
N TYR B 291 -20.91 -15.63 -15.52
CA TYR B 291 -20.72 -17.02 -15.93
C TYR B 291 -20.26 -17.81 -14.72
N LEU B 292 -20.98 -18.86 -14.37
CA LEU B 292 -20.59 -19.72 -13.26
C LEU B 292 -20.22 -21.08 -13.83
N ILE B 293 -19.03 -21.57 -13.48
CA ILE B 293 -18.52 -22.83 -14.01
C ILE B 293 -18.57 -23.87 -12.90
N TYR B 294 -19.28 -24.96 -13.15
CA TYR B 294 -19.48 -26.00 -12.16
C TYR B 294 -19.78 -27.30 -12.89
N PRO B 295 -19.15 -28.41 -12.55
CA PRO B 295 -19.29 -29.64 -13.36
C PRO B 295 -20.73 -30.13 -13.48
N SER B 296 -21.13 -30.46 -14.71
CA SER B 296 -22.38 -31.17 -14.95
C SER B 296 -22.24 -32.62 -14.50
N VAL B 297 -23.37 -33.32 -14.41
CA VAL B 297 -23.35 -34.75 -14.17
C VAL B 297 -22.51 -35.46 -15.23
N GLU B 298 -22.66 -35.05 -16.49
N GLU B 298 -22.67 -35.06 -16.49
CA GLU B 298 -21.91 -35.70 -17.57
CA GLU B 298 -21.91 -35.70 -17.56
C GLU B 298 -20.42 -35.43 -17.44
C GLU B 298 -20.42 -35.44 -17.41
N ASN B 299 -20.04 -34.23 -17.02
CA ASN B 299 -18.63 -33.94 -16.76
C ASN B 299 -18.08 -34.92 -15.73
N VAL B 300 -18.83 -35.15 -14.65
CA VAL B 300 -18.35 -36.06 -13.60
C VAL B 300 -18.35 -37.50 -14.09
N ARG B 301 -19.42 -37.91 -14.79
CA ARG B 301 -19.56 -39.30 -15.19
C ARG B 301 -18.39 -39.76 -16.06
N THR B 302 -17.93 -38.91 -16.99
CA THR B 302 -16.85 -39.33 -17.86
C THR B 302 -15.48 -38.81 -17.43
N SER B 303 -15.33 -38.39 -16.17
CA SER B 303 -14.06 -37.89 -15.68
C SER B 303 -13.07 -39.06 -15.47
N LEU B 304 -11.80 -38.69 -15.18
CA LEU B 304 -10.80 -39.71 -14.91
C LEU B 304 -11.20 -40.59 -13.73
N GLU B 305 -11.85 -39.99 -12.73
CA GLU B 305 -12.27 -40.72 -11.54
C GLU B 305 -13.65 -41.34 -11.69
N GLY B 306 -14.45 -40.87 -12.62
CA GLY B 306 -15.84 -41.26 -12.69
C GLY B 306 -16.66 -40.61 -11.59
N TYR B 307 -17.78 -41.25 -11.26
CA TYR B 307 -18.67 -40.69 -10.26
C TYR B 307 -17.98 -40.37 -8.93
N PRO B 308 -16.98 -41.13 -8.47
CA PRO B 308 -16.34 -40.77 -7.19
C PRO B 308 -15.73 -39.38 -7.17
N ALA B 309 -15.43 -38.78 -8.33
CA ALA B 309 -15.04 -37.37 -8.31
C ALA B 309 -16.11 -36.51 -7.67
N GLY B 310 -17.37 -36.90 -7.80
CA GLY B 310 -18.46 -36.16 -7.21
C GLY B 310 -18.51 -36.19 -5.69
N GLY B 311 -17.71 -37.05 -5.05
CA GLY B 311 -17.60 -36.98 -3.60
C GLY B 311 -16.89 -35.73 -3.12
N SER B 312 -16.17 -35.06 -4.03
CA SER B 312 -15.52 -33.79 -3.75
C SER B 312 -16.21 -32.62 -4.44
N LEU B 313 -17.47 -32.78 -4.84
CA LEU B 313 -18.31 -31.72 -5.39
C LEU B 313 -19.62 -31.69 -4.61
N PRO B 314 -19.60 -31.20 -3.36
CA PRO B 314 -20.70 -31.51 -2.41
C PRO B 314 -21.88 -30.54 -2.43
N TYR B 315 -22.53 -30.45 -3.60
CA TYR B 315 -23.79 -29.73 -3.76
C TYR B 315 -24.94 -30.67 -3.44
N SER B 316 -25.75 -30.33 -2.45
CA SER B 316 -26.78 -31.24 -1.97
C SER B 316 -28.13 -30.96 -2.65
N ILE B 317 -28.93 -32.02 -2.79
CA ILE B 317 -30.23 -31.86 -3.41
C ILE B 317 -31.09 -30.92 -2.59
N GLN B 318 -30.95 -30.94 -1.26
CA GLN B 318 -31.75 -30.08 -0.40
C GLN B 318 -31.48 -28.61 -0.70
N THR B 319 -30.22 -28.26 -0.95
CA THR B 319 -29.88 -26.90 -1.31
C THR B 319 -30.30 -26.58 -2.74
N ALA B 320 -30.03 -27.50 -3.68
CA ALA B 320 -30.26 -27.22 -5.10
C ALA B 320 -31.73 -27.00 -5.40
N GLU B 321 -32.61 -27.84 -4.85
CA GLU B 321 -34.02 -27.75 -5.19
C GLU B 321 -34.66 -26.45 -4.70
N LYS B 322 -34.00 -25.74 -3.79
CA LYS B 322 -34.48 -24.43 -3.34
C LYS B 322 -34.08 -23.30 -4.27
N GLN B 323 -33.24 -23.56 -5.26
CA GLN B 323 -32.65 -22.48 -6.05
C GLN B 323 -32.40 -22.93 -7.48
N ASN B 324 -33.38 -23.59 -8.08
CA ASN B 324 -33.22 -23.99 -9.48
C ASN B 324 -32.99 -22.80 -10.41
N TRP B 325 -33.38 -21.59 -9.99
CA TRP B 325 -33.07 -20.41 -10.80
C TRP B 325 -31.57 -20.27 -11.05
N LEU B 326 -30.73 -20.75 -10.12
CA LEU B 326 -29.29 -20.56 -10.24
C LEU B 326 -28.71 -21.31 -11.43
N HIS B 327 -29.28 -22.47 -11.77
CA HIS B 327 -28.62 -23.36 -12.71
C HIS B 327 -28.63 -22.82 -14.14
N SER B 328 -29.45 -21.81 -14.44
N SER B 328 -29.44 -21.80 -14.44
CA SER B 328 -29.36 -21.15 -15.75
CA SER B 328 -29.37 -21.15 -15.74
C SER B 328 -28.07 -20.34 -15.91
C SER B 328 -28.06 -20.36 -15.92
N TYR B 329 -27.34 -20.11 -14.82
CA TYR B 329 -26.03 -19.48 -14.89
C TYR B 329 -24.90 -20.48 -15.13
N PHE B 330 -25.18 -21.78 -15.10
CA PHE B 330 -24.11 -22.78 -14.98
C PHE B 330 -23.54 -23.14 -16.35
N HIS B 331 -22.21 -23.26 -16.38
CA HIS B 331 -21.43 -23.63 -17.55
C HIS B 331 -20.56 -24.85 -17.25
N LYS B 332 -20.35 -25.69 -18.26
CA LYS B 332 -19.60 -26.92 -18.13
C LYS B 332 -18.15 -26.67 -17.74
N TRP B 333 -17.54 -27.69 -17.13
CA TRP B 333 -16.08 -27.71 -16.93
C TRP B 333 -15.42 -28.13 -18.24
N SER B 334 -14.50 -27.30 -18.73
CA SER B 334 -13.73 -27.63 -19.93
C SER B 334 -12.34 -27.04 -19.76
N ALA B 335 -11.31 -27.85 -19.99
CA ALA B 335 -9.95 -27.41 -19.74
C ALA B 335 -9.00 -28.05 -20.75
N GLU B 336 -9.40 -28.02 -22.03
CA GLU B 336 -8.52 -28.47 -23.09
C GLU B 336 -7.19 -27.73 -23.06
N THR B 337 -7.20 -26.46 -22.67
CA THR B 337 -5.98 -25.67 -22.64
C THR B 337 -4.91 -26.31 -21.76
N SER B 338 -5.30 -27.01 -20.69
CA SER B 338 -4.34 -27.63 -19.80
C SER B 338 -4.50 -29.15 -19.77
N GLY B 339 -5.18 -29.72 -20.76
CA GLY B 339 -5.38 -31.17 -20.80
C GLY B 339 -6.17 -31.74 -19.66
N ARG B 340 -7.05 -30.95 -19.04
CA ARG B 340 -7.66 -31.33 -17.76
C ARG B 340 -9.19 -31.34 -17.81
N SER B 341 -9.79 -31.47 -18.99
CA SER B 341 -11.23 -31.56 -19.07
C SER B 341 -11.78 -32.74 -18.28
N ASN B 342 -11.01 -33.81 -18.12
CA ASN B 342 -11.47 -34.96 -17.35
C ASN B 342 -10.92 -35.01 -15.94
N ALA B 343 -10.19 -33.98 -15.51
CA ALA B 343 -9.70 -33.89 -14.13
C ALA B 343 -10.61 -32.91 -13.41
N MET B 344 -11.53 -33.41 -12.60
CA MET B 344 -12.59 -32.55 -12.07
C MET B 344 -11.99 -31.46 -11.18
N PRO B 345 -12.58 -30.26 -11.19
CA PRO B 345 -11.98 -29.14 -10.45
C PRO B 345 -12.27 -29.20 -8.96
N HIS B 346 -11.22 -29.05 -8.15
CA HIS B 346 -11.34 -28.64 -6.76
C HIS B 346 -10.74 -27.27 -6.53
N ILE B 347 -10.02 -26.75 -7.54
CA ILE B 347 -9.64 -25.34 -7.56
C ILE B 347 -10.88 -24.46 -7.51
N LYS B 348 -10.72 -23.24 -6.95
CA LYS B 348 -11.74 -22.21 -7.05
C LYS B 348 -11.08 -20.96 -7.62
N THR B 349 -11.70 -20.37 -8.64
CA THR B 349 -11.14 -19.18 -9.27
C THR B 349 -12.26 -18.20 -9.63
N TYR B 350 -11.91 -16.90 -9.64
CA TYR B 350 -12.82 -15.84 -10.05
C TYR B 350 -12.02 -14.85 -10.88
N MET B 351 -12.61 -14.32 -11.95
CA MET B 351 -11.83 -13.44 -12.81
C MET B 351 -12.77 -12.57 -13.63
N ARG B 352 -12.18 -11.58 -14.29
CA ARG B 352 -12.92 -10.55 -15.03
C ARG B 352 -12.36 -10.46 -16.43
N PRO B 353 -12.81 -11.31 -17.35
CA PRO B 353 -12.32 -11.26 -18.73
C PRO B 353 -12.94 -10.11 -19.52
N SER B 354 -12.29 -9.80 -20.64
CA SER B 354 -12.82 -8.83 -21.60
C SER B 354 -13.95 -9.45 -22.40
N PRO B 355 -14.71 -8.66 -23.16
CA PRO B 355 -15.85 -9.23 -23.88
C PRO B 355 -15.50 -10.37 -24.82
N ASP B 356 -14.29 -10.39 -25.37
CA ASP B 356 -13.86 -11.47 -26.25
C ASP B 356 -12.96 -12.47 -25.54
N PHE B 357 -12.84 -12.36 -24.22
CA PHE B 357 -12.08 -13.30 -23.39
C PHE B 357 -10.59 -13.35 -23.76
N SER B 358 -10.06 -12.32 -24.42
CA SER B 358 -8.65 -12.30 -24.77
C SER B 358 -7.79 -11.68 -23.70
N LYS B 359 -8.39 -10.95 -22.76
CA LYS B 359 -7.68 -10.29 -21.67
C LYS B 359 -8.46 -10.51 -20.38
N ILE B 360 -7.81 -10.28 -19.24
CA ILE B 360 -8.50 -10.25 -17.96
C ILE B 360 -8.05 -9.04 -17.15
N ALA B 361 -9.00 -8.47 -16.40
CA ALA B 361 -8.70 -7.34 -15.54
C ALA B 361 -8.13 -7.77 -14.19
N TRP B 362 -8.33 -9.03 -13.81
CA TRP B 362 -7.78 -9.55 -12.56
C TRP B 362 -8.12 -11.03 -12.50
N PHE B 363 -7.42 -11.74 -11.62
CA PHE B 363 -7.61 -13.17 -11.42
C PHE B 363 -7.42 -13.48 -9.94
N LEU B 364 -8.30 -14.32 -9.39
CA LEU B 364 -8.27 -14.74 -7.99
C LEU B 364 -8.28 -16.26 -7.93
N VAL B 365 -7.34 -16.83 -7.18
CA VAL B 365 -7.40 -18.26 -6.83
C VAL B 365 -7.61 -18.32 -5.32
N THR B 366 -8.52 -19.19 -4.88
CA THR B 366 -8.95 -19.13 -3.48
C THR B 366 -9.51 -20.49 -3.05
N SER B 367 -9.76 -20.62 -1.76
CA SER B 367 -10.52 -21.74 -1.24
C SER B 367 -12.03 -21.49 -1.29
N ALA B 368 -12.45 -20.25 -1.54
CA ALA B 368 -13.86 -19.85 -1.36
C ALA B 368 -14.76 -20.39 -2.47
N ASN B 369 -15.75 -21.19 -2.09
CA ASN B 369 -16.79 -21.67 -3.00
C ASN B 369 -17.88 -20.61 -3.14
N LEU B 370 -18.92 -20.94 -3.93
CA LEU B 370 -20.03 -20.02 -4.16
C LEU B 370 -21.00 -20.14 -3.00
N SER B 371 -20.68 -19.44 -1.91
CA SER B 371 -21.48 -19.58 -0.70
C SER B 371 -21.39 -18.32 0.13
N LYS B 372 -22.50 -17.98 0.79
CA LYS B 372 -22.50 -16.86 1.74
C LYS B 372 -21.60 -17.14 2.93
N ALA B 373 -21.46 -18.40 3.34
CA ALA B 373 -20.59 -18.72 4.47
C ALA B 373 -19.16 -18.33 4.18
N ALA B 374 -18.73 -18.48 2.92
CA ALA B 374 -17.35 -18.22 2.53
C ALA B 374 -17.10 -16.74 2.26
N TRP B 375 -18.02 -16.10 1.54
CA TRP B 375 -17.81 -14.75 1.03
C TRP B 375 -18.39 -13.68 1.94
N GLY B 376 -19.38 -14.01 2.75
CA GLY B 376 -20.03 -13.08 3.65
C GLY B 376 -21.40 -12.67 3.15
N ALA B 377 -22.30 -12.38 4.11
CA ALA B 377 -23.62 -11.87 3.79
C ALA B 377 -23.95 -10.73 4.73
N LEU B 378 -24.49 -9.65 4.17
CA LEU B 378 -24.82 -8.47 4.95
C LEU B 378 -26.02 -8.72 5.85
N GLU B 379 -25.96 -8.19 7.06
CA GLU B 379 -27.04 -8.25 8.02
C GLU B 379 -27.31 -6.84 8.55
N LYS B 380 -28.48 -6.68 9.18
CA LYS B 380 -28.84 -5.47 9.92
C LYS B 380 -28.72 -4.22 9.03
N ASN B 381 -29.55 -4.21 7.99
CA ASN B 381 -29.61 -3.12 7.02
C ASN B 381 -28.23 -2.77 6.48
N GLY B 382 -27.51 -3.80 6.02
CA GLY B 382 -26.23 -3.59 5.37
C GLY B 382 -25.15 -3.01 6.25
N THR B 383 -25.33 -3.07 7.57
CA THR B 383 -24.32 -2.53 8.48
C THR B 383 -23.29 -3.57 8.93
N GLN B 384 -23.66 -4.85 8.91
CA GLN B 384 -22.82 -5.93 9.42
C GLN B 384 -22.57 -6.95 8.31
N LEU B 385 -21.33 -7.36 8.14
CA LEU B 385 -20.98 -8.45 7.24
C LEU B 385 -20.69 -9.70 8.07
N MET B 386 -21.52 -10.72 7.91
CA MET B 386 -21.37 -11.96 8.66
C MET B 386 -20.69 -12.99 7.78
N ILE B 387 -19.58 -13.55 8.28
CA ILE B 387 -18.85 -14.63 7.63
C ILE B 387 -18.81 -15.80 8.60
N ARG B 388 -19.02 -17.02 8.07
CA ARG B 388 -19.01 -18.19 8.93
C ARG B 388 -17.68 -18.94 8.95
N SER B 389 -16.87 -18.82 7.90
CA SER B 389 -15.77 -19.75 7.68
C SER B 389 -14.44 -19.03 7.53
N TYR B 390 -13.36 -19.82 7.63
CA TYR B 390 -12.02 -19.38 7.23
C TYR B 390 -11.82 -19.72 5.76
N GLU B 391 -11.42 -18.71 4.97
CA GLU B 391 -11.07 -18.89 3.56
C GLU B 391 -9.81 -18.10 3.26
N LEU B 392 -9.10 -18.46 2.18
CA LEU B 392 -7.92 -17.68 1.83
C LEU B 392 -7.61 -17.85 0.35
N GLY B 393 -7.26 -16.74 -0.30
CA GLY B 393 -6.85 -16.76 -1.69
C GLY B 393 -5.90 -15.62 -1.99
N VAL B 394 -5.40 -15.57 -3.22
CA VAL B 394 -4.52 -14.49 -3.64
C VAL B 394 -5.04 -13.89 -4.94
N LEU B 395 -4.97 -12.57 -5.02
CA LEU B 395 -5.51 -11.80 -6.14
C LEU B 395 -4.37 -11.25 -6.97
N PHE B 396 -4.42 -11.51 -8.29
CA PHE B 396 -3.48 -10.98 -9.26
C PHE B 396 -4.12 -9.76 -9.92
N LEU B 397 -3.53 -8.58 -9.70
CA LEU B 397 -4.01 -7.35 -10.33
C LEU B 397 -2.96 -6.80 -11.28
N PRO B 398 -3.35 -6.43 -12.51
CA PRO B 398 -2.36 -5.90 -13.47
C PRO B 398 -1.50 -4.78 -12.92
N SER B 399 -2.06 -3.88 -12.11
CA SER B 399 -1.27 -2.76 -11.56
C SER B 399 -0.09 -3.25 -10.72
N ALA B 400 -0.24 -4.38 -10.01
CA ALA B 400 0.86 -4.91 -9.22
C ALA B 400 2.01 -5.44 -10.07
N PHE B 401 1.81 -5.53 -11.38
CA PHE B 401 2.82 -6.00 -12.32
C PHE B 401 3.18 -4.92 -13.33
N GLY B 402 2.72 -3.69 -13.13
CA GLY B 402 3.01 -2.61 -14.06
C GLY B 402 2.23 -2.69 -15.35
N LEU B 403 1.06 -3.33 -15.33
CA LEU B 403 0.26 -3.55 -16.53
C LEU B 403 -1.13 -2.98 -16.34
N ASP B 404 -1.84 -2.79 -17.47
CA ASP B 404 -3.23 -2.38 -17.42
C ASP B 404 -4.18 -3.57 -17.46
N SER B 405 -3.75 -4.67 -18.06
CA SER B 405 -4.52 -5.92 -18.10
C SER B 405 -3.55 -7.07 -18.32
N PHE B 406 -4.05 -8.29 -18.15
CA PHE B 406 -3.28 -9.47 -18.48
C PHE B 406 -3.80 -10.04 -19.80
N LYS B 407 -2.89 -10.45 -20.67
CA LYS B 407 -3.26 -11.29 -21.79
C LYS B 407 -3.56 -12.70 -21.28
N VAL B 408 -4.54 -13.36 -21.88
CA VAL B 408 -4.84 -14.74 -21.49
C VAL B 408 -3.91 -15.68 -22.28
N LYS B 409 -3.20 -16.54 -21.55
CA LYS B 409 -2.31 -17.52 -22.17
C LYS B 409 -3.10 -18.50 -23.05
N GLN B 410 -2.69 -18.63 -24.31
CA GLN B 410 -3.49 -19.41 -25.27
C GLN B 410 -3.46 -20.89 -24.95
N LYS B 411 -2.28 -21.43 -24.64
CA LYS B 411 -2.13 -22.79 -24.14
C LYS B 411 -1.43 -22.74 -22.80
N PHE B 412 -2.03 -23.37 -21.79
CA PHE B 412 -1.56 -23.22 -20.41
C PHE B 412 -0.09 -23.61 -20.28
N PHE B 413 0.33 -24.66 -20.98
CA PHE B 413 1.69 -25.17 -20.86
C PHE B 413 2.61 -24.76 -21.99
N ALA B 414 2.14 -23.93 -22.92
CA ALA B 414 2.98 -23.45 -24.02
C ALA B 414 3.89 -22.33 -23.52
N GLY B 415 4.64 -21.71 -24.44
CA GLY B 415 5.59 -20.69 -24.05
C GLY B 415 5.34 -19.33 -24.68
N PRO B 419 5.50 -13.39 -24.76
CA PRO B 419 6.10 -12.90 -23.51
C PRO B 419 5.35 -13.41 -22.28
N MET B 420 5.88 -13.12 -21.10
CA MET B 420 5.22 -13.44 -19.83
C MET B 420 4.52 -12.22 -19.25
N ALA B 421 3.75 -11.54 -20.09
CA ALA B 421 2.69 -10.63 -19.66
C ALA B 421 1.33 -11.32 -19.72
N THR B 422 1.33 -12.64 -19.84
CA THR B 422 0.13 -13.42 -20.14
C THR B 422 -0.16 -14.38 -18.99
N PHE B 423 -1.38 -14.35 -18.53
CA PHE B 423 -1.73 -15.08 -17.33
C PHE B 423 -2.20 -16.48 -17.69
N PRO B 424 -1.72 -17.50 -16.99
CA PRO B 424 -2.08 -18.89 -17.32
C PRO B 424 -3.45 -19.31 -16.77
N VAL B 425 -4.50 -18.86 -17.43
CA VAL B 425 -5.85 -19.32 -17.07
C VAL B 425 -5.95 -20.82 -17.33
N PRO B 426 -6.35 -21.63 -16.34
CA PRO B 426 -6.23 -23.09 -16.48
C PRO B 426 -7.41 -23.79 -17.14
N TYR B 427 -8.48 -23.09 -17.51
CA TYR B 427 -9.60 -23.71 -18.21
C TYR B 427 -9.98 -22.87 -19.42
N ASP B 428 -10.89 -23.42 -20.22
CA ASP B 428 -11.17 -22.88 -21.55
C ASP B 428 -12.12 -21.69 -21.48
N LEU B 429 -11.89 -20.73 -22.39
CA LEU B 429 -12.73 -19.57 -22.57
C LEU B 429 -13.14 -19.48 -24.03
N PRO B 430 -14.36 -19.02 -24.33
CA PRO B 430 -15.43 -18.70 -23.38
C PRO B 430 -15.98 -19.97 -22.72
N PRO B 431 -16.53 -19.86 -21.52
CA PRO B 431 -17.20 -21.01 -20.92
C PRO B 431 -18.40 -21.42 -21.75
N GLU B 432 -18.71 -22.71 -21.73
CA GLU B 432 -19.80 -23.27 -22.52
C GLU B 432 -21.00 -23.53 -21.63
N LEU B 433 -22.15 -22.97 -22.00
CA LEU B 433 -23.37 -23.16 -21.24
C LEU B 433 -23.75 -24.63 -21.20
N TYR B 434 -24.33 -25.05 -20.06
CA TYR B 434 -24.98 -26.36 -19.99
C TYR B 434 -25.93 -26.55 -21.15
N GLY B 435 -25.96 -27.76 -21.71
CA GLY B 435 -26.99 -28.13 -22.66
C GLY B 435 -28.34 -28.33 -21.97
N SER B 436 -29.40 -28.44 -22.78
CA SER B 436 -30.73 -28.51 -22.20
C SER B 436 -30.95 -29.79 -21.39
N LYS B 437 -30.20 -30.85 -21.69
CA LYS B 437 -30.29 -32.08 -20.90
C LYS B 437 -29.29 -32.14 -19.76
N ASP B 438 -28.37 -31.19 -19.67
CA ASP B 438 -27.38 -31.21 -18.60
C ASP B 438 -28.00 -30.79 -17.28
N ARG B 439 -27.44 -31.34 -16.20
CA ARG B 439 -27.83 -31.01 -14.84
C ARG B 439 -26.58 -30.79 -14.01
N PRO B 440 -26.63 -29.92 -13.01
CA PRO B 440 -25.46 -29.75 -12.14
C PRO B 440 -25.22 -31.04 -11.36
N TRP B 441 -23.94 -31.33 -11.11
CA TRP B 441 -23.61 -32.46 -10.25
C TRP B 441 -24.20 -32.22 -8.86
N ILE B 442 -25.03 -33.15 -8.40
CA ILE B 442 -25.62 -33.10 -7.07
C ILE B 442 -25.21 -34.38 -6.37
N TRP B 443 -24.51 -34.25 -5.24
CA TRP B 443 -23.70 -35.38 -4.79
C TRP B 443 -24.49 -36.43 -4.02
N ASN B 444 -25.67 -36.09 -3.50
CA ASN B 444 -26.38 -37.02 -2.63
C ASN B 444 -27.68 -37.54 -3.25
N ILE B 445 -27.72 -37.68 -4.57
CA ILE B 445 -28.78 -38.43 -5.25
C ILE B 445 -28.11 -39.49 -6.11
N PRO B 446 -28.81 -40.57 -6.42
CA PRO B 446 -28.20 -41.65 -7.22
C PRO B 446 -28.18 -41.35 -8.70
N TYR B 447 -27.15 -41.89 -9.36
CA TYR B 447 -27.02 -41.90 -10.82
C TYR B 447 -26.84 -43.35 -11.23
N VAL B 448 -27.91 -43.96 -11.75
CA VAL B 448 -27.98 -45.40 -11.98
C VAL B 448 -28.35 -45.76 -13.41
N LYS B 449 -28.60 -44.78 -14.28
CA LYS B 449 -28.99 -45.09 -15.65
C LYS B 449 -27.80 -45.21 -16.59
N ALA B 450 -26.66 -44.60 -16.26
CA ALA B 450 -25.51 -44.66 -17.15
C ALA B 450 -24.24 -44.89 -16.34
N PRO B 451 -23.47 -45.93 -16.65
CA PRO B 451 -22.23 -46.17 -15.91
C PRO B 451 -21.19 -45.11 -16.23
N ASP B 452 -20.24 -44.96 -15.30
CA ASP B 452 -19.19 -43.96 -15.46
C ASP B 452 -17.97 -44.57 -16.16
N THR B 453 -16.89 -43.79 -16.16
CA THR B 453 -15.61 -44.20 -16.74
C THR B 453 -15.18 -45.59 -16.33
N HIS B 454 -15.47 -45.99 -15.10
CA HIS B 454 -15.00 -47.27 -14.58
C HIS B 454 -16.11 -48.31 -14.54
N GLY B 455 -17.20 -48.05 -15.26
CA GLY B 455 -18.30 -48.98 -15.36
C GLY B 455 -19.19 -49.04 -14.15
N ASN B 456 -19.14 -48.03 -13.27
CA ASN B 456 -19.84 -48.02 -11.99
C ASN B 456 -21.01 -47.05 -11.99
N MET B 457 -21.96 -47.31 -11.10
N MET B 457 -21.95 -47.32 -11.10
CA MET B 457 -23.03 -46.37 -10.81
CA MET B 457 -23.05 -46.41 -10.77
C MET B 457 -22.73 -45.64 -9.51
C MET B 457 -22.69 -45.61 -9.51
N TRP B 458 -23.51 -44.59 -9.23
CA TRP B 458 -23.34 -43.78 -8.03
C TRP B 458 -24.57 -43.91 -7.15
N VAL B 459 -24.38 -44.41 -5.94
CA VAL B 459 -25.49 -44.57 -4.99
C VAL B 459 -25.03 -44.08 -3.62
N PRO B 460 -25.37 -42.84 -3.23
CA PRO B 460 -24.91 -42.20 -1.99
C PRO B 460 -25.74 -42.58 -0.77
C10 GM7 C . 8.71 30.22 0.01
C13 GM7 C . 6.98 31.95 -0.46
C02 GM7 C . 5.99 32.84 -0.08
C03 GM7 C . 5.60 32.92 1.24
C04 GM7 C . 6.23 32.14 2.18
C05 GM7 C . 7.24 31.27 1.81
C06 GM7 C . 7.89 30.40 2.90
C09 GM7 C . 7.61 31.16 0.48
N01 GM7 C . 5.33 33.66 -1.09
O07 GM7 C . 8.04 29.17 2.70
O08 GM7 C . 8.20 30.91 4.01
O11 GM7 C . 8.47 29.42 -0.93
O12 GM7 C . 9.85 30.26 0.52
C1 EDO D . 16.97 17.68 21.28
O1 EDO D . 15.94 18.03 22.21
C2 EDO D . 16.46 16.75 20.20
O2 EDO D . 15.30 17.32 19.58
C1 EDO E . 0.91 19.57 2.80
O1 EDO E . 0.39 18.78 1.73
C2 EDO E . 1.91 18.76 3.64
O2 EDO E . 2.98 18.28 2.81
C1 EDO F . -2.43 11.15 -3.16
O1 EDO F . -3.13 9.93 -2.86
C2 EDO F . -1.07 10.84 -3.79
O2 EDO F . -0.05 11.68 -3.26
C10 GM7 G . -12.82 -28.55 1.16
C13 GM7 G . -14.87 -28.93 2.51
C02 GM7 G . -16.23 -28.97 2.68
C03 GM7 G . -17.10 -28.65 1.64
C04 GM7 G . -16.56 -28.29 0.41
C05 GM7 G . -15.19 -28.26 0.25
C06 GM7 G . -14.66 -27.84 -1.13
C09 GM7 G . -14.34 -28.56 1.29
N01 GM7 G . -16.75 -29.35 3.98
O07 GM7 G . -15.22 -28.29 -2.17
O08 GM7 G . -13.69 -27.06 -1.20
O11 GM7 G . -12.27 -29.25 0.30
O12 GM7 G . -12.12 -27.84 1.94
C1 EDO H . 4.51 -20.66 -13.16
O1 EDO H . 3.74 -21.60 -12.43
C2 EDO H . 3.58 -19.99 -14.17
O2 EDO H . 2.83 -18.99 -13.48
C1 EDO I . 7.67 -5.59 11.45
O1 EDO I . 7.08 -6.72 10.79
C2 EDO I . 9.16 -5.85 11.64
O2 EDO I . 9.76 -6.04 10.35
C1 EDO J . -7.33 -20.03 -22.19
O1 EDO J . -8.26 -20.06 -21.11
C2 EDO J . -7.76 -21.02 -23.24
O2 EDO J . -9.12 -20.74 -23.63
C1 EDO K . -12.64 -15.32 0.16
O1 EDO K . -12.08 -14.56 1.23
C2 EDO K . -11.79 -15.12 -1.10
O2 EDO K . -10.46 -15.60 -0.88
#